data_4LDP
#
_entry.id   4LDP
#
_cell.length_a   162.421
_cell.length_b   162.421
_cell.length_c   81.228
_cell.angle_alpha   90.00
_cell.angle_beta   90.00
_cell.angle_gamma   90.00
#
_symmetry.space_group_name_H-M   'P 43 21 2'
#
loop_
_entity.id
_entity.type
_entity.pdbx_description
1 polymer NDP-forosamyltransferase
2 water water
#
_entity_poly.entity_id   1
_entity_poly.type   'polypeptide(L)'
_entity_poly.pdbx_seq_one_letter_code
;HHHHHHSSGLVPRGSHMRVLFTPLPASSHFFNLVPLAWALRAAGHEVRVAICPNMVSMVTGAGLTAVPVGDELDLISLAA
KNELVLGSGVSFDEKGRHPELFDELLSINSGRDTDAVEQLHLVDDRSLDDLMGFAEKWQPDLVVWDAMVCSGPVVARALG
ARHVRMLVALDVSGWLRSGFLEYQESKPPEQRVDPLGTWLGAKLAKFGATFDEEIVTGQATIDPIPSWMRLPVDLDYISM
RFVPYNGPAVLPEWLRERPTKPRVCITRGLTKRRLSRVTEQYGEQSDQEQAMVERLLRGAARLDVEVIATLSDDEVREMG
ELPSNVRVHEYVPLNELLESCSVIIHHGSTTTQETATVNGVPQLILPGTFWDESRRAELLADRGAGLVLDPATFTEDDVR
GQLARLLDEPSFAANAALIRREIEESPSPHDIVPRLEKLVAERENRRTGQSDGHP
;
_entity_poly.pdbx_strand_id   A,B
#
# COMPACT_ATOMS: atom_id res chain seq x y z
N SER A 15 7.52 14.73 6.29
CA SER A 15 8.33 13.47 6.21
C SER A 15 9.60 13.51 7.07
N HIS A 16 10.16 12.35 7.37
CA HIS A 16 11.57 12.35 7.76
C HIS A 16 12.46 11.97 6.57
N MET A 17 12.51 10.71 6.13
CA MET A 17 13.44 10.35 5.02
C MET A 17 12.81 10.38 3.66
N ARG A 18 13.66 10.56 2.67
CA ARG A 18 13.27 10.33 1.26
C ARG A 18 13.86 8.99 0.84
N VAL A 19 12.98 8.10 0.39
CA VAL A 19 13.42 6.72 0.08
C VAL A 19 13.06 6.35 -1.38
N LEU A 20 14.04 5.82 -2.08
CA LEU A 20 13.94 5.45 -3.48
C LEU A 20 14.19 3.96 -3.54
N PHE A 21 13.22 3.25 -4.11
CA PHE A 21 13.38 1.84 -4.43
C PHE A 21 13.69 1.75 -5.93
N THR A 22 14.65 0.86 -6.22
CA THR A 22 15.01 0.50 -7.57
C THR A 22 14.83 -1.01 -7.72
N PRO A 23 13.62 -1.46 -8.06
CA PRO A 23 13.47 -2.90 -8.27
C PRO A 23 13.80 -3.29 -9.67
N LEU A 24 14.02 -4.58 -9.87
CA LEU A 24 13.96 -5.23 -11.15
C LEU A 24 12.53 -5.16 -11.62
N PRO A 25 12.30 -4.71 -12.88
CA PRO A 25 10.92 -4.57 -13.39
C PRO A 25 10.25 -5.92 -13.71
N ALA A 26 9.90 -6.67 -12.67
CA ALA A 26 9.29 -7.99 -12.77
C ALA A 26 8.43 -8.13 -11.54
N SER A 27 7.19 -8.53 -11.74
CA SER A 27 6.21 -8.73 -10.72
C SER A 27 6.79 -9.28 -9.49
N SER A 28 7.45 -10.43 -9.64
CA SER A 28 7.91 -11.20 -8.48
C SER A 28 8.89 -10.39 -7.63
N HIS A 29 9.71 -9.59 -8.29
CA HIS A 29 10.69 -8.76 -7.57
C HIS A 29 10.03 -7.57 -6.93
N PHE A 30 9.27 -6.85 -7.75
CA PHE A 30 8.54 -5.71 -7.28
C PHE A 30 7.62 -6.03 -6.07
N PHE A 31 6.76 -7.02 -6.20
CA PHE A 31 5.83 -7.45 -5.15
C PHE A 31 6.51 -7.71 -3.83
N ASN A 32 7.70 -8.27 -3.88
CA ASN A 32 8.47 -8.57 -2.72
C ASN A 32 8.86 -7.29 -1.93
N LEU A 33 9.04 -6.16 -2.61
CA LEU A 33 9.40 -4.90 -1.95
C LEU A 33 8.21 -4.12 -1.40
N VAL A 34 6.99 -4.40 -1.87
CA VAL A 34 5.84 -3.54 -1.62
C VAL A 34 5.54 -3.29 -0.12
N PRO A 35 5.53 -4.36 0.72
CA PRO A 35 5.18 -4.15 2.12
C PRO A 35 6.23 -3.31 2.86
N LEU A 36 7.51 -3.56 2.57
CA LEU A 36 8.53 -2.69 3.12
C LEU A 36 8.31 -1.24 2.69
N ALA A 37 8.01 -1.01 1.41
CA ALA A 37 7.77 0.38 0.95
C ALA A 37 6.56 0.99 1.66
N TRP A 38 5.48 0.23 1.77
CA TRP A 38 4.36 0.72 2.55
C TRP A 38 4.70 0.92 4.05
N ALA A 39 5.56 0.08 4.58
CA ALA A 39 5.98 0.27 5.98
C ALA A 39 6.64 1.66 6.19
N LEU A 40 7.49 2.03 5.24
CA LEU A 40 8.18 3.29 5.30
C LEU A 40 7.19 4.45 5.17
N ARG A 41 6.29 4.34 4.18
CA ARG A 41 5.28 5.35 3.89
C ARG A 41 4.40 5.52 5.13
N ALA A 42 4.01 4.41 5.76
CA ALA A 42 3.17 4.43 7.00
C ALA A 42 3.88 5.12 8.17
N ALA A 43 5.20 5.09 8.16
CA ALA A 43 5.94 5.78 9.14
C ALA A 43 6.17 7.28 8.84
N GLY A 44 5.59 7.78 7.73
CA GLY A 44 5.75 9.20 7.35
C GLY A 44 6.92 9.55 6.42
N HIS A 45 7.69 8.56 6.03
CA HIS A 45 8.65 8.71 4.98
C HIS A 45 8.06 8.85 3.56
N GLU A 46 8.77 9.57 2.71
CA GLU A 46 8.36 9.69 1.35
C GLU A 46 9.08 8.55 0.68
N VAL A 47 8.32 7.81 -0.10
CA VAL A 47 8.80 6.67 -0.80
C VAL A 47 8.51 6.84 -2.30
N ARG A 48 9.55 6.66 -3.13
CA ARG A 48 9.33 6.66 -4.59
C ARG A 48 9.93 5.36 -5.23
N VAL A 49 9.28 4.92 -6.32
CA VAL A 49 9.77 3.74 -7.01
C VAL A 49 10.12 4.06 -8.46
N ALA A 50 11.36 3.75 -8.79
CA ALA A 50 11.85 3.95 -10.14
C ALA A 50 11.60 2.68 -10.86
N ILE A 51 10.92 2.80 -11.99
CA ILE A 51 10.52 1.70 -12.80
C ILE A 51 10.52 2.14 -14.29
N CYS A 52 10.85 1.21 -15.19
CA CYS A 52 10.80 1.49 -16.63
C CYS A 52 9.36 1.89 -16.98
N PRO A 53 9.17 2.70 -18.03
CA PRO A 53 7.88 3.39 -18.19
C PRO A 53 6.71 2.50 -18.47
N ASN A 54 6.95 1.29 -18.94
CA ASN A 54 5.84 0.40 -19.25
C ASN A 54 5.41 -0.46 -18.05
N MET A 55 6.17 -0.40 -16.95
CA MET A 55 5.73 -1.10 -15.72
C MET A 55 5.11 -0.17 -14.69
N VAL A 56 4.86 1.07 -15.09
CA VAL A 56 4.47 2.11 -14.16
C VAL A 56 3.19 1.67 -13.43
N SER A 57 2.27 1.07 -14.17
CA SER A 57 1.00 0.80 -13.55
C SER A 57 1.07 -0.46 -12.63
N MET A 58 2.10 -1.26 -12.75
CA MET A 58 2.30 -2.24 -11.70
C MET A 58 2.60 -1.53 -10.31
N VAL A 59 3.40 -0.45 -10.29
CA VAL A 59 3.85 0.23 -9.07
C VAL A 59 2.66 0.99 -8.46
N THR A 60 1.88 1.50 -9.35
CA THR A 60 0.76 2.35 -9.02
C THR A 60 -0.37 1.49 -8.57
N GLY A 61 -0.45 0.29 -9.13
CA GLY A 61 -1.43 -0.72 -8.68
C GLY A 61 -1.20 -1.23 -7.27
N ALA A 62 -0.01 -1.00 -6.68
CA ALA A 62 0.27 -1.33 -5.24
C ALA A 62 0.13 -0.14 -4.32
N GLY A 63 -0.36 0.96 -4.87
CA GLY A 63 -0.59 2.19 -4.13
C GLY A 63 0.64 3.05 -3.99
N LEU A 64 1.71 2.72 -4.70
CA LEU A 64 2.97 3.41 -4.56
C LEU A 64 3.18 4.43 -5.65
N THR A 65 4.02 5.42 -5.38
CA THR A 65 4.25 6.38 -6.38
C THR A 65 5.41 5.99 -7.29
N ALA A 66 5.13 6.06 -8.60
CA ALA A 66 6.08 5.64 -9.68
C ALA A 66 6.92 6.79 -10.28
N VAL A 67 8.22 6.55 -10.45
CA VAL A 67 9.05 7.45 -11.22
C VAL A 67 9.50 6.74 -12.49
N PRO A 68 8.91 7.12 -13.64
CA PRO A 68 9.26 6.42 -14.88
C PRO A 68 10.66 6.80 -15.19
N VAL A 69 11.48 5.81 -15.52
CA VAL A 69 12.83 6.06 -15.83
C VAL A 69 13.27 5.15 -16.99
N GLY A 70 13.91 5.77 -17.98
CA GLY A 70 14.59 5.05 -19.06
C GLY A 70 13.68 4.67 -20.20
N ASP A 71 14.14 3.74 -21.04
CA ASP A 71 13.28 3.29 -22.14
C ASP A 71 12.43 2.13 -21.70
N GLU A 72 11.31 1.94 -22.40
CA GLU A 72 10.54 0.70 -22.32
C GLU A 72 11.43 -0.50 -22.24
N LEU A 73 10.98 -1.49 -21.49
CA LEU A 73 11.80 -2.64 -21.26
C LEU A 73 10.89 -3.84 -21.10
N ASP A 74 10.88 -4.73 -22.09
CA ASP A 74 10.25 -6.01 -21.86
C ASP A 74 11.33 -6.92 -21.32
N LEU A 75 11.47 -6.95 -20.00
CA LEU A 75 12.47 -7.81 -19.37
C LEU A 75 12.24 -9.32 -19.63
N ILE A 76 10.99 -9.72 -19.73
CA ILE A 76 10.65 -11.12 -20.03
C ILE A 76 11.28 -11.64 -21.33
N SER A 77 11.15 -10.94 -22.46
CA SER A 77 11.80 -11.37 -23.70
C SER A 77 13.34 -11.43 -23.59
N LEU A 78 13.94 -10.38 -23.04
CA LEU A 78 15.41 -10.33 -22.80
C LEU A 78 15.87 -11.37 -21.77
N ASP A 115 26.15 -6.13 -23.12
CA ASP A 115 25.44 -4.87 -23.34
C ASP A 115 23.90 -4.98 -23.23
N ALA A 116 23.35 -6.17 -23.48
CA ALA A 116 21.97 -6.50 -23.10
C ALA A 116 21.97 -6.87 -21.61
N VAL A 117 23.17 -7.17 -21.11
CA VAL A 117 23.49 -7.38 -19.69
C VAL A 117 23.29 -6.08 -18.89
N GLU A 118 23.63 -4.95 -19.53
CA GLU A 118 23.43 -3.63 -18.95
C GLU A 118 21.96 -3.30 -18.75
N GLN A 119 21.16 -3.48 -19.79
CA GLN A 119 19.73 -3.27 -19.68
C GLN A 119 19.11 -4.07 -18.54
N LEU A 120 19.43 -5.37 -18.44
CA LEU A 120 18.84 -6.20 -17.39
C LEU A 120 19.25 -5.79 -15.95
N HIS A 121 20.40 -5.13 -15.81
CA HIS A 121 20.86 -4.67 -14.51
C HIS A 121 20.53 -3.20 -14.27
N LEU A 122 19.85 -2.61 -15.26
CA LEU A 122 19.38 -1.23 -15.29
C LEU A 122 20.49 -0.16 -15.34
N VAL A 123 21.64 -0.59 -15.81
CA VAL A 123 22.83 0.22 -15.78
C VAL A 123 23.30 0.60 -17.21
N ASP A 124 22.37 0.64 -18.16
CA ASP A 124 22.60 1.22 -19.48
C ASP A 124 22.44 2.73 -19.44
N ASP A 125 23.38 3.45 -20.06
CA ASP A 125 23.30 4.92 -20.17
C ASP A 125 21.87 5.54 -20.11
N ARG A 126 20.93 5.05 -20.92
CA ARG A 126 19.64 5.72 -21.00
C ARG A 126 19.00 5.78 -19.64
N SER A 127 19.01 4.64 -18.99
CA SER A 127 18.24 4.44 -17.79
C SER A 127 18.98 5.02 -16.58
N LEU A 128 20.22 4.60 -16.40
CA LEU A 128 21.07 5.19 -15.39
C LEU A 128 21.13 6.72 -15.45
N ASP A 129 21.34 7.31 -16.63
CA ASP A 129 21.43 8.79 -16.70
C ASP A 129 20.11 9.39 -16.27
N ASP A 130 19.01 8.80 -16.74
CA ASP A 130 17.66 9.23 -16.40
C ASP A 130 17.43 9.16 -14.86
N LEU A 131 17.77 8.01 -14.26
CA LEU A 131 17.64 7.83 -12.83
C LEU A 131 18.42 8.88 -12.10
N MET A 132 19.66 9.01 -12.52
CA MET A 132 20.53 9.90 -11.84
C MET A 132 20.01 11.36 -11.95
N GLY A 133 19.35 11.70 -13.07
CA GLY A 133 18.80 13.06 -13.25
C GLY A 133 17.78 13.30 -12.16
N PHE A 134 16.92 12.32 -11.94
CA PHE A 134 15.91 12.42 -10.91
C PHE A 134 16.52 12.39 -9.47
N ALA A 135 17.43 11.46 -9.24
CA ALA A 135 18.01 11.34 -7.92
C ALA A 135 18.77 12.60 -7.49
N GLU A 136 19.36 13.30 -8.46
CA GLU A 136 20.05 14.57 -8.17
C GLU A 136 19.10 15.65 -7.68
N LYS A 137 17.89 15.72 -8.25
CA LYS A 137 16.90 16.72 -7.84
C LYS A 137 16.20 16.25 -6.59
N TRP A 138 15.81 14.99 -6.50
CA TRP A 138 15.10 14.56 -5.30
C TRP A 138 16.01 14.36 -4.10
N GLN A 139 17.28 14.01 -4.33
CA GLN A 139 18.18 13.79 -3.19
C GLN A 139 17.62 12.79 -2.14
N PRO A 140 17.43 11.52 -2.51
CA PRO A 140 16.97 10.60 -1.45
C PRO A 140 18.07 10.34 -0.41
N ASP A 141 17.70 10.04 0.82
CA ASP A 141 18.62 9.67 1.92
C ASP A 141 18.95 8.18 1.90
N LEU A 142 18.10 7.38 1.25
CA LEU A 142 18.22 5.92 1.29
C LEU A 142 17.79 5.29 -0.01
N VAL A 143 18.60 4.39 -0.54
CA VAL A 143 18.17 3.65 -1.74
C VAL A 143 18.04 2.20 -1.33
N VAL A 144 16.83 1.65 -1.50
CA VAL A 144 16.63 0.21 -1.33
C VAL A 144 16.58 -0.38 -2.73
N TRP A 145 17.53 -1.25 -3.01
CA TRP A 145 17.72 -1.82 -4.34
C TRP A 145 17.74 -3.34 -4.34
N ASP A 146 17.02 -3.82 -5.33
CA ASP A 146 16.76 -5.22 -5.57
C ASP A 146 18.14 -5.77 -5.94
N ALA A 147 18.54 -6.83 -5.25
CA ALA A 147 19.78 -7.58 -5.51
C ALA A 147 20.24 -7.83 -6.93
N MET A 148 19.39 -7.73 -7.95
CA MET A 148 19.89 -7.98 -9.31
C MET A 148 20.05 -6.73 -10.15
N VAL A 149 20.00 -5.56 -9.55
CA VAL A 149 20.23 -4.35 -10.33
C VAL A 149 21.42 -3.63 -9.74
N CYS A 150 22.01 -2.71 -10.49
CA CYS A 150 23.22 -2.01 -10.07
C CYS A 150 22.94 -0.55 -10.21
N SER A 151 21.82 -0.28 -10.84
CA SER A 151 21.14 1.02 -10.87
C SER A 151 21.22 1.76 -9.50
N GLY A 152 20.58 1.17 -8.51
CA GLY A 152 20.39 1.78 -7.21
C GLY A 152 21.69 2.10 -6.49
N PRO A 153 22.58 1.08 -6.36
CA PRO A 153 23.77 1.37 -5.57
C PRO A 153 24.65 2.42 -6.26
N VAL A 154 24.66 2.46 -7.60
CA VAL A 154 25.55 3.36 -8.38
C VAL A 154 25.11 4.78 -8.14
N VAL A 155 23.81 4.96 -8.17
CA VAL A 155 23.27 6.26 -7.94
C VAL A 155 23.47 6.67 -6.49
N ALA A 156 23.34 5.71 -5.58
CA ALA A 156 23.41 6.07 -4.21
C ALA A 156 24.81 6.60 -3.85
N ARG A 157 25.81 5.89 -4.36
CA ARG A 157 27.18 6.12 -4.02
C ARG A 157 27.60 7.46 -4.66
N ALA A 158 27.17 7.67 -5.89
CA ALA A 158 27.26 8.99 -6.57
C ALA A 158 26.67 10.16 -5.77
N LEU A 159 25.55 9.95 -5.08
CA LEU A 159 24.94 11.01 -4.31
C LEU A 159 25.40 11.09 -2.89
N GLY A 160 26.12 10.07 -2.42
CA GLY A 160 26.37 9.95 -0.99
C GLY A 160 25.16 9.55 -0.13
N ALA A 161 24.12 8.97 -0.74
CA ALA A 161 22.98 8.39 0.00
C ALA A 161 23.34 7.04 0.59
N ARG A 162 22.65 6.64 1.63
CA ARG A 162 22.77 5.27 2.10
C ARG A 162 22.08 4.27 1.18
N HIS A 163 22.56 3.04 1.17
CA HIS A 163 21.84 2.09 0.36
C HIS A 163 21.91 0.71 0.92
N VAL A 164 20.80 0.03 0.72
CA VAL A 164 20.55 -1.28 1.24
C VAL A 164 20.08 -2.17 0.10
N ARG A 165 20.61 -3.37 0.06
CA ARG A 165 20.20 -4.34 -0.92
C ARG A 165 19.02 -5.17 -0.38
N MET A 166 18.07 -5.52 -1.23
CA MET A 166 17.07 -6.52 -0.81
C MET A 166 17.08 -7.79 -1.65
N LEU A 167 17.15 -8.94 -0.98
CA LEU A 167 17.06 -10.20 -1.67
C LEU A 167 15.61 -10.54 -2.01
N VAL A 168 15.42 -11.27 -3.11
CA VAL A 168 14.16 -11.93 -3.39
C VAL A 168 14.29 -13.47 -3.22
N ALA A 169 15.50 -13.96 -3.34
CA ALA A 169 15.90 -15.36 -3.41
C ALA A 169 17.13 -15.52 -2.52
N LEU A 170 17.62 -16.75 -2.39
CA LEU A 170 18.92 -17.02 -1.77
C LEU A 170 20.05 -16.13 -2.36
N ASP A 171 20.91 -15.55 -1.51
CA ASP A 171 22.00 -14.65 -1.94
C ASP A 171 23.07 -15.42 -2.68
N VAL A 172 22.76 -15.82 -3.91
CA VAL A 172 23.68 -16.51 -4.76
C VAL A 172 24.85 -15.57 -5.14
N SER A 173 24.47 -14.37 -5.57
CA SER A 173 25.39 -13.31 -5.87
C SER A 173 26.41 -13.11 -4.79
N GLY A 174 25.91 -12.81 -3.59
CA GLY A 174 26.69 -12.62 -2.38
C GLY A 174 27.66 -13.76 -2.14
N TRP A 175 27.17 -15.00 -2.30
CA TRP A 175 27.94 -16.19 -2.01
C TRP A 175 29.02 -16.42 -3.09
N LEU A 176 28.68 -16.27 -4.38
CA LEU A 176 29.69 -16.25 -5.45
C LEU A 176 30.76 -15.21 -5.11
N ARG A 177 30.32 -13.97 -4.89
CA ARG A 177 31.23 -12.85 -4.61
C ARG A 177 32.13 -13.15 -3.41
N SER A 178 31.57 -13.81 -2.42
CA SER A 178 32.36 -14.34 -1.30
C SER A 178 33.58 -15.24 -1.75
N GLY A 179 33.32 -16.17 -2.66
CA GLY A 179 34.33 -17.10 -3.17
C GLY A 179 35.41 -16.31 -3.84
N PHE A 180 34.97 -15.52 -4.81
CA PHE A 180 35.82 -14.59 -5.53
C PHE A 180 36.71 -13.78 -4.62
N LEU A 181 36.18 -13.16 -3.56
CA LEU A 181 37.05 -12.34 -2.70
C LEU A 181 38.06 -13.21 -1.93
N GLU A 182 37.64 -14.42 -1.59
CA GLU A 182 38.49 -15.36 -0.88
C GLU A 182 39.65 -15.80 -1.79
N TYR A 183 39.33 -16.14 -3.02
CA TYR A 183 40.31 -16.48 -4.04
C TYR A 183 41.27 -15.29 -4.21
N GLN A 184 40.74 -14.14 -4.61
CA GLN A 184 41.53 -12.91 -4.74
C GLN A 184 42.49 -12.63 -3.56
N GLU A 185 42.05 -12.82 -2.32
CA GLU A 185 42.86 -12.43 -1.15
C GLU A 185 44.21 -13.18 -1.07
N SER A 186 44.19 -14.45 -1.49
CA SER A 186 45.38 -15.30 -1.46
C SER A 186 46.26 -15.20 -2.72
N LYS A 187 45.83 -14.52 -3.78
CA LYS A 187 46.71 -14.27 -4.93
C LYS A 187 47.59 -13.08 -4.64
N PRO A 188 48.73 -12.99 -5.35
CA PRO A 188 49.58 -11.81 -5.20
C PRO A 188 48.89 -10.53 -5.67
N PRO A 189 49.02 -9.42 -4.90
CA PRO A 189 48.41 -8.12 -5.17
C PRO A 189 48.31 -7.78 -6.63
N GLU A 190 49.34 -8.10 -7.41
CA GLU A 190 49.40 -7.67 -8.80
C GLU A 190 48.48 -8.52 -9.63
N GLN A 191 48.02 -9.59 -9.00
CA GLN A 191 47.19 -10.53 -9.68
C GLN A 191 45.69 -10.42 -9.29
N ARG A 192 45.40 -9.62 -8.27
CA ARG A 192 44.03 -9.52 -7.78
C ARG A 192 43.03 -8.85 -8.73
N VAL A 193 42.92 -9.31 -9.97
CA VAL A 193 41.89 -8.75 -10.85
C VAL A 193 40.45 -8.86 -10.27
N ASP A 194 39.58 -8.01 -10.77
CA ASP A 194 38.22 -7.90 -10.32
C ASP A 194 37.42 -7.37 -11.48
N PRO A 195 37.06 -8.24 -12.44
CA PRO A 195 36.17 -7.87 -13.57
C PRO A 195 34.90 -7.09 -13.19
N LEU A 196 34.18 -7.55 -12.17
CA LEU A 196 33.01 -6.81 -11.74
C LEU A 196 33.45 -5.45 -11.19
N GLY A 197 34.43 -5.48 -10.32
CA GLY A 197 34.85 -4.25 -9.67
C GLY A 197 35.12 -3.18 -10.70
N THR A 198 35.94 -3.52 -11.70
CA THR A 198 36.43 -2.50 -12.64
C THR A 198 35.32 -2.11 -13.61
N TRP A 199 34.39 -3.02 -13.85
CA TRP A 199 33.22 -2.70 -14.65
C TRP A 199 32.34 -1.62 -13.97
N LEU A 200 32.05 -1.85 -12.69
CA LEU A 200 31.25 -0.91 -11.90
C LEU A 200 32.02 0.39 -11.64
N GLY A 201 33.32 0.26 -11.42
CA GLY A 201 34.21 1.41 -11.38
C GLY A 201 34.00 2.38 -12.55
N ALA A 202 33.84 1.85 -13.77
CA ALA A 202 33.63 2.72 -14.95
C ALA A 202 32.25 3.40 -14.96
N LYS A 203 31.19 2.65 -14.68
CA LYS A 203 29.89 3.26 -14.53
C LYS A 203 29.98 4.34 -13.43
N LEU A 204 30.62 4.02 -12.31
CA LEU A 204 30.76 5.00 -11.23
C LEU A 204 31.54 6.26 -11.63
N ALA A 205 32.59 6.11 -12.46
CA ALA A 205 33.44 7.23 -12.88
C ALA A 205 32.67 8.28 -13.69
N LYS A 206 31.78 7.82 -14.56
CA LYS A 206 30.81 8.66 -15.30
C LYS A 206 30.15 9.74 -14.42
N PHE A 207 30.09 9.47 -13.11
CA PHE A 207 29.56 10.44 -12.15
C PHE A 207 30.54 10.81 -11.06
N GLY A 208 31.83 10.58 -11.30
CA GLY A 208 32.85 11.09 -10.38
C GLY A 208 32.95 10.39 -9.05
N ALA A 209 32.45 9.16 -8.99
CA ALA A 209 32.57 8.34 -7.79
C ALA A 209 33.42 7.11 -7.99
N THR A 210 33.85 6.50 -6.89
CA THR A 210 34.67 5.29 -6.90
C THR A 210 33.96 4.03 -6.41
N PHE A 211 34.44 2.90 -6.93
CA PHE A 211 34.04 1.59 -6.52
C PHE A 211 34.33 1.28 -5.04
N ASP A 212 33.46 0.45 -4.46
CA ASP A 212 33.61 -0.02 -3.11
C ASP A 212 32.91 -1.39 -3.11
N GLU A 213 33.32 -2.33 -2.26
CA GLU A 213 32.60 -3.58 -2.10
C GLU A 213 31.05 -3.42 -1.87
N GLU A 214 30.67 -2.39 -1.12
CA GLU A 214 29.29 -2.13 -0.85
C GLU A 214 28.44 -2.05 -2.13
N ILE A 215 29.05 -1.63 -3.23
CA ILE A 215 28.30 -1.46 -4.43
C ILE A 215 27.83 -2.81 -4.94
N VAL A 216 28.50 -3.87 -4.52
CA VAL A 216 28.13 -5.17 -4.98
C VAL A 216 27.10 -5.75 -4.02
N THR A 217 27.34 -5.65 -2.72
CA THR A 217 26.44 -6.32 -1.76
C THR A 217 25.64 -5.43 -0.78
N GLY A 218 25.72 -4.11 -0.98
CA GLY A 218 25.00 -3.14 -0.15
C GLY A 218 25.65 -2.84 1.17
N GLN A 219 25.15 -1.81 1.85
CA GLN A 219 25.68 -1.50 3.18
C GLN A 219 25.05 -2.38 4.20
N ALA A 220 23.90 -2.96 3.83
CA ALA A 220 23.22 -4.04 4.52
C ALA A 220 22.36 -4.73 3.49
N THR A 221 21.85 -5.92 3.84
CA THR A 221 21.04 -6.73 2.91
C THR A 221 19.84 -7.20 3.68
N ILE A 222 18.66 -6.82 3.22
CA ILE A 222 17.41 -7.26 3.84
C ILE A 222 17.08 -8.56 3.24
N ASP A 223 16.78 -9.50 4.12
CA ASP A 223 16.57 -10.87 3.74
C ASP A 223 15.19 -11.38 4.18
N PRO A 224 14.28 -11.54 3.22
CA PRO A 224 12.91 -12.03 3.52
C PRO A 224 12.76 -13.56 3.53
N ILE A 225 13.78 -14.29 3.07
CA ILE A 225 13.81 -15.75 3.12
C ILE A 225 14.12 -16.12 4.57
N PRO A 226 13.48 -17.14 5.13
CA PRO A 226 13.80 -17.51 6.55
C PRO A 226 15.29 -17.79 6.84
N SER A 227 15.80 -17.17 7.93
CA SER A 227 17.17 -17.38 8.46
C SER A 227 17.79 -18.73 8.11
N TRP A 228 17.10 -19.81 8.46
CA TRP A 228 17.67 -21.15 8.44
C TRP A 228 17.90 -21.65 7.01
N MET A 229 17.38 -20.96 6.00
CA MET A 229 17.74 -21.25 4.60
C MET A 229 18.92 -20.42 4.07
N ARG A 230 19.38 -19.45 4.84
CA ARG A 230 20.32 -18.46 4.36
C ARG A 230 21.67 -19.11 3.97
N LEU A 231 22.09 -18.92 2.71
CA LEU A 231 23.45 -19.31 2.29
C LEU A 231 24.49 -18.68 3.22
N PRO A 232 25.51 -19.45 3.66
CA PRO A 232 26.49 -18.94 4.63
C PRO A 232 27.48 -17.95 4.01
N VAL A 233 27.21 -16.67 4.20
CA VAL A 233 28.11 -15.64 3.72
C VAL A 233 28.15 -14.53 4.74
N ASP A 234 29.32 -13.94 4.89
CA ASP A 234 29.60 -12.96 5.95
C ASP A 234 29.14 -11.54 5.62
N LEU A 235 27.88 -11.23 5.88
CA LEU A 235 27.37 -9.90 5.55
C LEU A 235 26.42 -9.43 6.63
N ASP A 236 26.11 -8.13 6.60
CA ASP A 236 25.15 -7.57 7.51
C ASP A 236 23.76 -7.85 6.91
N TYR A 237 23.18 -8.97 7.33
CA TYR A 237 21.83 -9.33 6.96
C TYR A 237 20.83 -8.78 7.93
N ILE A 238 19.75 -8.23 7.42
CA ILE A 238 18.66 -7.87 8.29
C ILE A 238 17.56 -8.85 7.93
N SER A 239 17.27 -9.77 8.84
CA SER A 239 16.06 -10.64 8.76
C SER A 239 14.75 -9.89 8.73
N MET A 240 13.89 -10.25 7.78
CA MET A 240 12.55 -9.63 7.67
C MET A 240 11.50 -10.66 7.28
N ARG A 241 10.47 -10.75 8.08
CA ARG A 241 9.29 -11.56 7.78
C ARG A 241 8.73 -11.27 6.41
N PHE A 242 8.48 -12.31 5.63
CA PHE A 242 7.82 -12.15 4.35
C PHE A 242 6.34 -11.76 4.56
N VAL A 243 5.88 -10.66 3.99
CA VAL A 243 4.48 -10.31 4.04
C VAL A 243 4.00 -10.36 2.60
N PRO A 244 3.03 -11.23 2.31
CA PRO A 244 2.67 -11.51 0.91
C PRO A 244 2.00 -10.32 0.27
N TYR A 245 2.42 -9.99 -0.94
CA TYR A 245 1.66 -9.13 -1.81
C TYR A 245 1.64 -9.77 -3.20
N ASN A 246 0.45 -10.01 -3.74
CA ASN A 246 0.38 -10.77 -5.00
C ASN A 246 -0.37 -10.01 -6.12
N GLY A 247 -0.43 -8.68 -6.01
CA GLY A 247 -1.07 -7.92 -7.08
C GLY A 247 -2.50 -7.71 -6.66
N PRO A 248 -3.28 -7.11 -7.54
CA PRO A 248 -4.69 -6.75 -7.28
C PRO A 248 -5.46 -7.95 -6.75
N ALA A 249 -6.01 -7.89 -5.53
CA ALA A 249 -6.72 -8.99 -4.87
C ALA A 249 -8.20 -8.67 -4.51
N VAL A 250 -9.13 -9.32 -5.23
CA VAL A 250 -10.56 -9.30 -4.93
C VAL A 250 -11.01 -10.65 -4.37
N LEU A 251 -11.61 -10.67 -3.19
CA LEU A 251 -12.12 -11.88 -2.62
C LEU A 251 -13.49 -12.21 -3.25
N PRO A 252 -13.54 -13.26 -4.12
CA PRO A 252 -14.87 -13.61 -4.69
C PRO A 252 -15.70 -14.32 -3.63
N GLU A 253 -17.01 -14.29 -3.75
CA GLU A 253 -17.91 -14.90 -2.77
C GLU A 253 -17.52 -16.30 -2.40
N TRP A 254 -17.06 -17.09 -3.36
CA TRP A 254 -16.85 -18.52 -3.05
C TRP A 254 -15.67 -18.76 -2.14
N LEU A 255 -14.83 -17.75 -2.03
CA LEU A 255 -13.63 -17.88 -1.27
C LEU A 255 -13.93 -17.44 0.15
N ARG A 256 -15.18 -17.09 0.39
CA ARG A 256 -15.68 -16.75 1.73
C ARG A 256 -16.02 -17.92 2.61
N GLU A 257 -16.31 -19.06 2.00
CA GLU A 257 -16.83 -20.22 2.74
C GLU A 257 -15.71 -21.19 3.06
N ARG A 258 -15.84 -21.96 4.12
CA ARG A 258 -14.91 -23.04 4.37
C ARG A 258 -15.12 -24.03 3.24
N PRO A 259 -14.03 -24.62 2.71
CA PRO A 259 -14.29 -25.64 1.70
C PRO A 259 -14.95 -26.83 2.36
N THR A 260 -15.59 -27.67 1.55
CA THR A 260 -16.25 -28.84 2.08
C THR A 260 -15.40 -30.07 1.87
N LYS A 261 -14.33 -29.93 1.10
CA LYS A 261 -13.47 -31.03 0.75
C LYS A 261 -12.07 -30.44 0.72
N PRO A 262 -11.03 -31.22 1.08
CA PRO A 262 -9.67 -30.67 1.04
C PRO A 262 -9.38 -29.95 -0.29
N ARG A 263 -8.75 -28.79 -0.17
CA ARG A 263 -8.58 -27.86 -1.27
C ARG A 263 -7.09 -27.81 -1.65
N VAL A 264 -6.82 -28.02 -2.93
CA VAL A 264 -5.47 -28.04 -3.43
C VAL A 264 -5.33 -27.00 -4.50
N CYS A 265 -4.37 -26.12 -4.26
CA CYS A 265 -4.02 -25.08 -5.17
C CYS A 265 -2.88 -25.51 -6.09
N ILE A 266 -3.05 -25.25 -7.38
CA ILE A 266 -2.02 -25.57 -8.29
C ILE A 266 -1.70 -24.32 -9.14
N THR A 267 -0.47 -23.82 -9.01
CA THR A 267 -0.12 -22.52 -9.58
C THR A 267 1.36 -22.35 -9.86
N ARG A 268 1.69 -21.26 -10.56
CA ARG A 268 3.10 -20.84 -10.78
C ARG A 268 3.19 -19.32 -10.72
N GLY A 269 4.33 -18.79 -10.26
CA GLY A 269 4.54 -17.33 -10.18
C GLY A 269 4.16 -16.50 -11.41
N LEU A 270 3.56 -15.33 -11.17
CA LEU A 270 3.09 -14.41 -12.20
C LEU A 270 4.18 -14.14 -13.26
N THR A 271 5.40 -13.81 -12.80
CA THR A 271 6.55 -13.64 -13.71
C THR A 271 6.83 -14.93 -14.50
N LYS A 272 6.79 -16.08 -13.82
CA LYS A 272 7.02 -17.38 -14.46
C LYS A 272 5.98 -17.74 -15.53
N ARG A 273 4.77 -17.22 -15.39
CA ARG A 273 3.73 -17.51 -16.36
C ARG A 273 3.87 -16.75 -17.70
N ARG A 274 4.43 -15.54 -17.67
CA ARG A 274 4.71 -14.81 -18.90
C ARG A 274 5.91 -15.51 -19.55
N LEU A 275 5.68 -16.16 -20.70
CA LEU A 275 6.59 -17.18 -21.29
C LEU A 275 7.50 -17.98 -20.30
N SER A 276 7.18 -19.26 -20.00
CA SER A 276 5.98 -20.00 -20.48
C SER A 276 5.53 -19.74 -21.95
N GLN A 288 3.75 -27.89 -26.02
CA GLN A 288 5.13 -28.31 -26.11
C GLN A 288 6.01 -27.29 -25.37
N GLU A 289 6.41 -27.60 -24.13
CA GLU A 289 6.07 -28.84 -23.38
C GLU A 289 6.23 -28.62 -21.84
N GLN A 290 5.17 -28.37 -21.07
CA GLN A 290 3.73 -28.22 -21.43
C GLN A 290 2.84 -29.29 -20.80
N ALA A 291 2.91 -30.52 -21.32
CA ALA A 291 2.10 -31.64 -20.83
C ALA A 291 2.35 -31.90 -19.35
N MET A 292 3.34 -31.21 -18.79
CA MET A 292 3.68 -31.28 -17.37
C MET A 292 2.54 -30.74 -16.48
N VAL A 293 1.95 -29.61 -16.89
CA VAL A 293 0.81 -29.05 -16.14
C VAL A 293 -0.43 -29.94 -16.27
N GLU A 294 -0.72 -30.39 -17.49
CA GLU A 294 -1.74 -31.40 -17.71
C GLU A 294 -1.53 -32.64 -16.80
N ARG A 295 -0.28 -33.09 -16.65
CA ARG A 295 0.02 -34.21 -15.77
C ARG A 295 -0.23 -33.87 -14.30
N LEU A 296 0.21 -32.70 -13.86
CA LEU A 296 0.00 -32.27 -12.47
C LEU A 296 -1.49 -32.25 -12.13
N LEU A 297 -2.23 -31.65 -13.04
CA LEU A 297 -3.67 -31.44 -12.93
C LEU A 297 -4.46 -32.73 -12.80
N ARG A 298 -4.22 -33.65 -13.75
CA ARG A 298 -4.82 -34.99 -13.76
C ARG A 298 -4.32 -35.82 -12.59
N GLY A 299 -3.01 -35.76 -12.36
CA GLY A 299 -2.43 -36.39 -11.17
C GLY A 299 -3.15 -36.01 -9.88
N ALA A 300 -3.45 -34.72 -9.73
CA ALA A 300 -3.99 -34.29 -8.45
C ALA A 300 -5.48 -34.60 -8.37
N ALA A 301 -6.14 -34.54 -9.54
CA ALA A 301 -7.57 -34.79 -9.65
C ALA A 301 -7.92 -36.18 -9.10
N ARG A 302 -7.01 -37.15 -9.28
CA ARG A 302 -7.21 -38.51 -8.76
C ARG A 302 -7.45 -38.66 -7.26
N LEU A 303 -7.51 -37.58 -6.51
CA LEU A 303 -7.86 -37.73 -5.12
C LEU A 303 -9.18 -37.03 -4.90
N ASP A 304 -9.83 -37.32 -3.77
CA ASP A 304 -11.12 -36.70 -3.47
C ASP A 304 -10.90 -35.29 -2.87
N VAL A 305 -10.39 -34.41 -3.73
CA VAL A 305 -10.05 -33.07 -3.32
C VAL A 305 -10.63 -32.08 -4.31
N GLU A 306 -10.75 -30.84 -3.87
CA GLU A 306 -11.11 -29.78 -4.80
C GLU A 306 -9.80 -29.21 -5.25
N VAL A 307 -9.60 -29.16 -6.55
CA VAL A 307 -8.40 -28.67 -7.14
C VAL A 307 -8.65 -27.31 -7.81
N ILE A 308 -7.93 -26.28 -7.34
CA ILE A 308 -7.95 -24.95 -7.97
C ILE A 308 -6.66 -24.73 -8.75
N ALA A 309 -6.78 -24.47 -10.04
CA ALA A 309 -5.61 -24.31 -10.84
C ALA A 309 -5.63 -22.96 -11.57
N THR A 310 -4.45 -22.40 -11.81
CA THR A 310 -4.36 -21.14 -12.54
C THR A 310 -3.75 -21.42 -13.90
N LEU A 311 -4.49 -21.10 -14.96
CA LEU A 311 -4.07 -21.35 -16.33
C LEU A 311 -4.47 -20.21 -17.28
N SER A 312 -3.68 -20.06 -18.35
CA SER A 312 -4.01 -19.17 -19.46
C SER A 312 -5.23 -19.75 -20.21
N ASP A 313 -5.68 -19.09 -21.28
CA ASP A 313 -6.62 -19.76 -22.17
C ASP A 313 -5.88 -20.76 -23.05
N ASP A 314 -6.18 -22.03 -22.76
CA ASP A 314 -5.34 -23.18 -23.11
C ASP A 314 -5.78 -24.43 -22.27
N GLU A 315 -5.37 -25.62 -22.75
CA GLU A 315 -6.02 -26.89 -22.38
C GLU A 315 -5.69 -28.07 -23.39
N VAL A 316 -6.15 -29.32 -23.18
CA VAL A 316 -7.20 -29.71 -22.23
C VAL A 316 -7.15 -31.22 -22.03
N GLU A 321 -10.63 -31.40 -21.78
CA GLU A 321 -11.69 -31.78 -20.88
C GLU A 321 -11.11 -32.25 -19.54
N LEU A 322 -11.62 -31.63 -18.46
CA LEU A 322 -11.00 -31.63 -17.14
C LEU A 322 -11.80 -32.44 -16.14
N PRO A 323 -11.11 -33.09 -15.18
CA PRO A 323 -11.82 -33.83 -14.16
C PRO A 323 -12.89 -32.97 -13.47
N SER A 324 -13.98 -33.59 -13.04
CA SER A 324 -15.10 -32.84 -12.50
C SER A 324 -14.72 -32.03 -11.22
N ASN A 325 -13.61 -32.36 -10.56
CA ASN A 325 -13.31 -31.73 -9.25
C ASN A 325 -12.20 -30.63 -9.37
N VAL A 326 -11.83 -30.33 -10.63
CA VAL A 326 -10.93 -29.26 -10.95
C VAL A 326 -11.66 -27.97 -11.31
N ARG A 327 -11.17 -26.88 -10.73
CA ARG A 327 -11.57 -25.52 -11.13
C ARG A 327 -10.36 -24.69 -11.66
N VAL A 328 -10.53 -24.18 -12.87
CA VAL A 328 -9.55 -23.39 -13.51
C VAL A 328 -9.94 -21.90 -13.56
N HIS A 329 -9.01 -21.04 -13.12
CA HIS A 329 -9.09 -19.56 -13.19
C HIS A 329 -7.89 -18.92 -13.91
N GLU A 330 -8.07 -17.79 -14.59
CA GLU A 330 -6.88 -17.04 -15.07
C GLU A 330 -6.10 -16.44 -13.88
N TYR A 331 -6.78 -15.93 -12.86
CA TYR A 331 -6.08 -15.37 -11.70
C TYR A 331 -6.89 -15.68 -10.47
N VAL A 332 -6.20 -15.77 -9.36
CA VAL A 332 -6.85 -15.84 -8.06
C VAL A 332 -6.13 -14.92 -7.10
N PRO A 333 -6.81 -14.51 -6.03
CA PRO A 333 -5.95 -13.84 -5.03
C PRO A 333 -5.24 -14.91 -4.17
N LEU A 334 -3.95 -15.08 -4.46
CA LEU A 334 -3.21 -16.20 -3.98
C LEU A 334 -3.16 -16.32 -2.47
N ASN A 335 -2.87 -15.20 -1.79
CA ASN A 335 -2.71 -15.25 -0.34
C ASN A 335 -4.01 -15.66 0.35
N GLU A 336 -5.10 -15.07 -0.09
CA GLU A 336 -6.42 -15.38 0.40
C GLU A 336 -6.90 -16.79 0.04
N LEU A 337 -6.58 -17.27 -1.15
CA LEU A 337 -6.85 -18.69 -1.43
C LEU A 337 -6.05 -19.58 -0.50
N LEU A 338 -4.76 -19.26 -0.27
CA LEU A 338 -3.91 -20.19 0.48
C LEU A 338 -4.36 -20.39 1.91
N GLU A 339 -5.05 -19.39 2.48
CA GLU A 339 -5.67 -19.48 3.83
C GLU A 339 -6.66 -20.63 3.90
N SER A 340 -7.16 -21.09 2.74
CA SER A 340 -8.19 -22.14 2.74
C SER A 340 -7.67 -23.44 2.15
N CYS A 341 -6.42 -23.48 1.75
CA CYS A 341 -5.88 -24.67 1.11
C CYS A 341 -5.18 -25.60 2.08
N SER A 342 -5.12 -26.87 1.73
CA SER A 342 -4.48 -27.88 2.56
C SER A 342 -3.18 -28.25 1.89
N VAL A 343 -3.10 -28.05 0.58
CA VAL A 343 -1.85 -28.26 -0.13
C VAL A 343 -1.73 -27.33 -1.30
N ILE A 344 -0.51 -26.91 -1.59
CA ILE A 344 -0.23 -26.16 -2.78
C ILE A 344 0.79 -26.96 -3.59
N ILE A 345 0.67 -26.94 -4.90
CA ILE A 345 1.61 -27.53 -5.83
C ILE A 345 2.11 -26.38 -6.71
N HIS A 346 3.43 -26.19 -6.80
CA HIS A 346 3.97 -25.09 -7.55
C HIS A 346 5.32 -25.38 -8.15
N HIS A 347 5.88 -24.39 -8.84
CA HIS A 347 7.15 -24.58 -9.58
C HIS A 347 8.35 -23.90 -8.90
N GLY A 348 8.14 -23.43 -7.67
CA GLY A 348 9.25 -22.91 -6.87
C GLY A 348 9.64 -21.45 -7.01
N SER A 349 8.80 -20.61 -7.62
CA SER A 349 8.99 -19.16 -7.50
C SER A 349 9.04 -18.75 -6.02
N THR A 350 9.94 -17.86 -5.70
CA THR A 350 10.02 -17.38 -4.33
C THR A 350 8.66 -16.94 -3.76
N THR A 351 7.89 -16.16 -4.52
CA THR A 351 6.71 -15.57 -3.89
C THR A 351 5.59 -16.61 -3.66
N THR A 352 5.43 -17.59 -4.56
CA THR A 352 4.38 -18.60 -4.29
C THR A 352 4.86 -19.45 -3.12
N GLN A 353 6.12 -19.81 -3.16
CA GLN A 353 6.66 -20.53 -2.04
C GLN A 353 6.56 -19.85 -0.70
N GLU A 354 6.99 -18.60 -0.66
CA GLU A 354 6.93 -17.79 0.56
C GLU A 354 5.49 -17.56 1.02
N THR A 355 4.61 -17.26 0.06
CA THR A 355 3.18 -17.12 0.39
C THR A 355 2.61 -18.40 1.01
N ALA A 356 2.93 -19.58 0.44
CA ALA A 356 2.52 -20.86 1.08
C ALA A 356 3.13 -21.02 2.47
N THR A 357 4.42 -20.77 2.56
CA THR A 357 5.12 -20.98 3.81
C THR A 357 4.57 -20.14 4.91
N VAL A 358 4.27 -18.91 4.57
CA VAL A 358 3.75 -17.96 5.53
C VAL A 358 2.31 -18.31 5.94
N ASN A 359 1.60 -19.03 5.08
CA ASN A 359 0.30 -19.55 5.47
C ASN A 359 0.36 -20.95 6.05
N GLY A 360 1.57 -21.49 6.16
CA GLY A 360 1.78 -22.82 6.79
C GLY A 360 1.11 -23.91 5.99
N VAL A 361 1.29 -23.91 4.68
CA VAL A 361 0.63 -24.83 3.80
C VAL A 361 1.67 -25.69 3.13
N PRO A 362 1.59 -27.03 3.34
CA PRO A 362 2.51 -28.05 2.82
C PRO A 362 2.62 -27.91 1.34
N GLN A 363 3.81 -28.19 0.83
CA GLN A 363 4.08 -27.87 -0.56
C GLN A 363 4.50 -29.08 -1.40
N LEU A 364 4.08 -29.10 -2.67
CA LEU A 364 4.59 -30.09 -3.63
C LEU A 364 5.26 -29.31 -4.71
N ILE A 365 6.59 -29.41 -4.78
CA ILE A 365 7.34 -28.50 -5.64
C ILE A 365 8.02 -29.22 -6.80
N LEU A 366 7.83 -28.65 -7.97
CA LEU A 366 8.37 -29.13 -9.22
C LEU A 366 9.32 -28.02 -9.65
N PRO A 367 10.55 -28.01 -9.09
CA PRO A 367 11.50 -26.92 -9.25
C PRO A 367 11.58 -26.30 -10.64
N ASP A 372 17.70 -21.10 -8.10
CA ASP A 372 17.69 -21.43 -6.65
C ASP A 372 16.41 -22.12 -6.12
N GLU A 373 15.56 -22.55 -7.06
CA GLU A 373 14.30 -23.15 -6.68
C GLU A 373 14.55 -24.54 -6.13
N SER A 374 15.49 -25.27 -6.73
CA SER A 374 15.80 -26.65 -6.27
C SER A 374 16.22 -26.56 -4.85
N ARG A 375 17.17 -25.69 -4.61
CA ARG A 375 17.70 -25.56 -3.28
C ARG A 375 16.63 -25.21 -2.27
N ARG A 376 15.81 -24.19 -2.59
CA ARG A 376 14.72 -23.76 -1.68
C ARG A 376 13.67 -24.87 -1.46
N ALA A 377 13.37 -25.60 -2.53
CA ALA A 377 12.51 -26.80 -2.49
C ALA A 377 13.14 -27.91 -1.62
N GLU A 378 14.41 -28.20 -1.90
CA GLU A 378 15.09 -29.16 -1.02
C GLU A 378 15.07 -28.74 0.43
N LEU A 379 15.39 -27.48 0.70
CA LEU A 379 15.55 -27.06 2.09
C LEU A 379 14.24 -27.30 2.79
N LEU A 380 13.15 -27.01 2.09
CA LEU A 380 11.83 -27.09 2.69
C LEU A 380 11.39 -28.53 2.92
N ALA A 381 11.66 -29.41 1.94
CA ALA A 381 11.53 -30.88 2.18
C ALA A 381 12.38 -31.36 3.38
N ASP A 382 13.66 -31.02 3.43
CA ASP A 382 14.49 -31.34 4.62
C ASP A 382 13.84 -31.07 5.97
N ARG A 383 13.01 -30.04 6.09
CA ARG A 383 12.32 -29.86 7.38
C ARG A 383 10.92 -30.51 7.41
N GLY A 384 10.65 -31.35 6.39
CA GLY A 384 9.34 -32.03 6.19
C GLY A 384 8.10 -31.14 6.05
N ALA A 385 8.18 -30.13 5.23
CA ALA A 385 7.04 -29.26 5.08
C ALA A 385 6.60 -29.42 3.67
N GLY A 386 7.36 -30.20 2.89
CA GLY A 386 7.08 -30.28 1.52
C GLY A 386 7.72 -31.51 0.94
N LEU A 387 7.44 -31.72 -0.33
CA LEU A 387 8.00 -32.81 -1.06
C LEU A 387 8.32 -32.25 -2.40
N VAL A 388 9.27 -32.89 -3.07
CA VAL A 388 9.73 -32.51 -4.39
C VAL A 388 9.54 -33.64 -5.39
N LEU A 389 9.45 -33.27 -6.65
CA LEU A 389 9.25 -34.16 -7.75
C LEU A 389 10.13 -33.64 -8.85
N ASP A 390 10.66 -34.54 -9.70
CA ASP A 390 11.47 -34.10 -10.83
C ASP A 390 10.70 -33.65 -12.10
N PRO A 391 10.68 -32.32 -12.39
CA PRO A 391 9.92 -31.73 -13.52
C PRO A 391 10.13 -32.44 -14.87
N ALA A 392 11.19 -33.23 -14.97
CA ALA A 392 11.57 -33.87 -16.22
C ALA A 392 11.34 -35.40 -16.24
N THR A 393 10.94 -35.98 -15.09
CA THR A 393 10.73 -37.43 -15.03
C THR A 393 9.44 -37.84 -14.35
N PHE A 394 8.73 -36.90 -13.72
CA PHE A 394 7.57 -37.22 -12.85
C PHE A 394 6.34 -37.70 -13.63
N THR A 395 5.58 -38.61 -13.03
CA THR A 395 4.39 -39.17 -13.65
C THR A 395 3.13 -38.84 -12.85
N GLU A 396 2.01 -38.73 -13.55
CA GLU A 396 0.70 -38.63 -12.91
C GLU A 396 0.63 -39.36 -11.56
N ASP A 397 1.05 -40.61 -11.52
CA ASP A 397 0.96 -41.40 -10.28
C ASP A 397 1.91 -40.86 -9.15
N ASP A 398 3.10 -40.38 -9.54
CA ASP A 398 3.99 -39.68 -8.59
C ASP A 398 3.20 -38.60 -7.89
N VAL A 399 2.54 -37.76 -8.72
CA VAL A 399 1.77 -36.61 -8.27
C VAL A 399 0.72 -37.05 -7.29
N ARG A 400 0.00 -38.12 -7.66
CA ARG A 400 -1.06 -38.71 -6.82
C ARG A 400 -0.48 -39.08 -5.46
N GLY A 401 0.62 -39.85 -5.44
CA GLY A 401 1.18 -40.37 -4.17
C GLY A 401 1.70 -39.32 -3.23
N GLN A 402 2.46 -38.38 -3.79
CA GLN A 402 3.05 -37.32 -2.95
C GLN A 402 1.94 -36.45 -2.40
N LEU A 403 0.97 -36.14 -3.26
CA LEU A 403 -0.17 -35.38 -2.78
C LEU A 403 -0.83 -36.05 -1.58
N ALA A 404 -1.03 -37.36 -1.71
CA ALA A 404 -1.62 -38.18 -0.66
C ALA A 404 -0.84 -38.07 0.64
N ARG A 405 0.48 -38.26 0.57
CA ARG A 405 1.40 -38.08 1.74
C ARG A 405 1.15 -36.70 2.36
N LEU A 406 1.19 -35.66 1.52
CA LEU A 406 1.04 -34.27 2.01
C LEU A 406 -0.28 -34.07 2.75
N LEU A 407 -1.36 -34.64 2.21
CA LEU A 407 -2.67 -34.59 2.88
C LEU A 407 -2.85 -35.54 4.10
N ASP A 408 -2.27 -36.74 4.06
CA ASP A 408 -2.59 -37.77 5.08
C ASP A 408 -1.67 -37.76 6.28
N GLU A 409 -0.38 -37.62 6.02
CA GLU A 409 0.60 -37.61 7.10
C GLU A 409 0.64 -36.29 7.86
N PRO A 410 0.13 -36.29 9.09
CA PRO A 410 -0.10 -35.06 9.87
C PRO A 410 1.14 -34.22 10.15
N SER A 411 2.32 -34.81 9.94
CA SER A 411 3.59 -34.20 10.32
C SER A 411 3.88 -33.03 9.38
N PHE A 412 3.61 -33.25 8.10
CA PHE A 412 3.88 -32.28 7.09
C PHE A 412 3.23 -30.90 7.41
N ALA A 413 1.95 -30.92 7.79
CA ALA A 413 1.23 -29.74 8.17
C ALA A 413 1.80 -29.22 9.51
N ALA A 414 2.22 -30.15 10.35
CA ALA A 414 2.75 -29.81 11.68
C ALA A 414 4.06 -29.08 11.53
N ASN A 415 4.96 -29.58 10.68
CA ASN A 415 6.23 -28.91 10.37
C ASN A 415 5.99 -27.54 9.72
N ALA A 416 5.06 -27.49 8.76
CA ALA A 416 4.72 -26.25 8.08
C ALA A 416 4.17 -25.26 9.11
N ALA A 417 3.48 -25.77 10.11
CA ALA A 417 2.95 -24.85 11.13
C ALA A 417 4.11 -24.23 11.94
N LEU A 418 5.16 -25.03 12.19
CA LEU A 418 6.34 -24.59 12.96
C LEU A 418 7.17 -23.48 12.25
N ILE A 419 7.44 -23.73 10.97
CA ILE A 419 8.09 -22.79 10.11
C ILE A 419 7.31 -21.48 10.00
N ARG A 420 5.99 -21.60 9.95
CA ARG A 420 5.09 -20.46 10.00
C ARG A 420 5.25 -19.67 11.31
N ARG A 421 5.29 -20.38 12.42
CA ARG A 421 5.44 -19.70 13.73
C ARG A 421 6.81 -19.04 13.82
N GLU A 422 7.83 -19.70 13.29
CA GLU A 422 9.14 -19.08 13.27
C GLU A 422 9.07 -17.73 12.50
N ILE A 423 8.49 -17.78 11.31
CA ILE A 423 8.40 -16.60 10.47
C ILE A 423 7.60 -15.54 11.19
N GLU A 424 6.49 -15.95 11.80
CA GLU A 424 5.63 -14.96 12.46
C GLU A 424 6.33 -14.24 13.58
N GLU A 425 7.44 -14.81 14.06
CA GLU A 425 8.19 -14.20 15.10
C GLU A 425 9.45 -13.41 14.66
N SER A 426 9.80 -13.41 13.37
CA SER A 426 10.87 -12.53 12.89
C SER A 426 10.33 -11.06 12.69
N PRO A 427 11.24 -10.07 12.67
CA PRO A 427 10.67 -8.71 12.62
C PRO A 427 9.89 -8.45 11.33
N SER A 428 8.74 -7.84 11.45
CA SER A 428 7.98 -7.44 10.27
C SER A 428 8.65 -6.26 9.56
N PRO A 429 8.23 -5.99 8.32
CA PRO A 429 8.56 -4.72 7.66
C PRO A 429 8.40 -3.50 8.60
N HIS A 430 7.28 -3.43 9.30
CA HIS A 430 7.04 -2.39 10.33
C HIS A 430 8.27 -2.35 11.26
N ASP A 431 8.74 -3.50 11.76
CA ASP A 431 9.87 -3.47 12.73
C ASP A 431 11.22 -3.15 12.09
N ILE A 432 11.32 -3.18 10.78
CA ILE A 432 12.59 -2.93 10.11
C ILE A 432 12.74 -1.42 9.92
N VAL A 433 11.62 -0.69 9.90
CA VAL A 433 11.69 0.71 9.59
C VAL A 433 12.69 1.46 10.55
N PRO A 434 12.57 1.28 11.89
CA PRO A 434 13.49 2.00 12.80
C PRO A 434 14.95 1.60 12.61
N ARG A 435 15.21 0.38 12.14
CA ARG A 435 16.59 -0.01 11.84
C ARG A 435 17.07 0.75 10.64
N LEU A 436 16.22 0.88 9.60
CA LEU A 436 16.58 1.69 8.42
C LEU A 436 16.77 3.12 8.80
N GLU A 437 15.91 3.64 9.67
CA GLU A 437 16.03 5.03 10.11
C GLU A 437 17.39 5.21 10.84
N LYS A 438 17.72 4.25 11.72
CA LYS A 438 18.98 4.30 12.42
C LYS A 438 20.13 4.33 11.41
N LEU A 439 20.04 3.46 10.39
CA LEU A 439 21.10 3.38 9.40
C LEU A 439 21.32 4.71 8.68
N VAL A 440 20.25 5.42 8.37
CA VAL A 440 20.38 6.67 7.63
C VAL A 440 20.96 7.74 8.54
N ALA A 441 20.60 7.72 9.82
CA ALA A 441 21.01 8.75 10.77
C ALA A 441 22.48 8.65 11.29
N GLU A 442 23.06 7.45 11.24
CA GLU A 442 24.43 7.25 11.70
C GLU A 442 25.42 8.13 10.96
N SER B 15 1.25 -11.27 18.28
CA SER B 15 0.00 -10.55 17.81
C SER B 15 -0.20 -10.68 16.30
N HIS B 16 -1.25 -11.38 15.88
CA HIS B 16 -1.60 -11.43 14.49
C HIS B 16 -3.07 -11.28 14.33
N MET B 17 -3.47 -10.09 13.92
CA MET B 17 -4.87 -9.76 13.86
C MET B 17 -5.40 -9.90 12.47
N ARG B 18 -6.69 -10.13 12.45
CA ARG B 18 -7.48 -9.94 11.25
C ARG B 18 -8.22 -8.62 11.39
N VAL B 19 -8.07 -7.77 10.40
CA VAL B 19 -8.67 -6.44 10.51
C VAL B 19 -9.51 -6.13 9.30
N LEU B 20 -10.69 -5.61 9.55
CA LEU B 20 -11.59 -5.28 8.49
C LEU B 20 -11.87 -3.79 8.50
N PHE B 21 -11.77 -3.17 7.35
CA PHE B 21 -12.10 -1.78 7.17
C PHE B 21 -13.43 -1.67 6.47
N THR B 22 -14.28 -0.75 6.93
CA THR B 22 -15.54 -0.52 6.24
C THR B 22 -15.67 0.96 5.97
N PRO B 23 -15.08 1.41 4.84
CA PRO B 23 -15.19 2.84 4.44
C PRO B 23 -16.53 3.25 3.80
N LEU B 24 -16.91 4.50 3.97
CA LEU B 24 -17.81 5.10 3.01
C LEU B 24 -17.22 4.90 1.63
N PRO B 25 -18.04 4.45 0.67
CA PRO B 25 -17.49 4.20 -0.68
C PRO B 25 -17.31 5.50 -1.46
N ALA B 26 -16.29 6.29 -1.10
CA ALA B 26 -15.98 7.49 -1.80
C ALA B 26 -14.51 7.66 -1.64
N SER B 27 -13.84 8.12 -2.70
CA SER B 27 -12.41 8.22 -2.76
C SER B 27 -11.83 9.13 -1.67
N SER B 28 -12.47 10.25 -1.37
CA SER B 28 -12.04 11.06 -0.22
C SER B 28 -11.98 10.23 1.03
N HIS B 29 -13.04 9.50 1.33
CA HIS B 29 -13.08 8.77 2.59
C HIS B 29 -12.13 7.60 2.62
N PHE B 30 -12.07 6.85 1.52
CA PHE B 30 -11.25 5.62 1.50
C PHE B 30 -9.76 5.96 1.51
N PHE B 31 -9.35 6.96 0.71
CA PHE B 31 -7.97 7.33 0.59
C PHE B 31 -7.42 7.72 2.00
N ASN B 32 -8.30 8.25 2.83
CA ASN B 32 -7.95 8.67 4.16
C ASN B 32 -7.53 7.48 5.06
N LEU B 33 -7.99 6.26 4.72
CA LEU B 33 -7.68 5.07 5.51
C LEU B 33 -6.48 4.29 5.00
N VAL B 34 -6.10 4.52 3.74
CA VAL B 34 -5.11 3.67 3.10
C VAL B 34 -3.80 3.52 3.94
N PRO B 35 -3.22 4.66 4.43
CA PRO B 35 -1.92 4.45 5.13
C PRO B 35 -2.03 3.63 6.42
N LEU B 36 -3.11 3.80 7.17
CA LEU B 36 -3.31 2.96 8.38
C LEU B 36 -3.53 1.51 7.98
N ALA B 37 -4.30 1.28 6.90
CA ALA B 37 -4.51 -0.10 6.45
C ALA B 37 -3.16 -0.70 6.05
N TRP B 38 -2.36 0.04 5.31
CA TRP B 38 -1.03 -0.51 4.99
C TRP B 38 -0.09 -0.67 6.20
N ALA B 39 -0.16 0.28 7.12
CA ALA B 39 0.55 0.20 8.39
C ALA B 39 0.24 -1.14 9.09
N LEU B 40 -1.04 -1.44 9.19
CA LEU B 40 -1.38 -2.75 9.77
C LEU B 40 -0.82 -3.89 8.96
N ARG B 41 -0.93 -3.82 7.63
CA ARG B 41 -0.44 -4.98 6.87
C ARG B 41 1.08 -5.06 6.98
N ALA B 42 1.73 -3.91 6.99
CA ALA B 42 3.19 -3.92 7.09
C ALA B 42 3.69 -4.46 8.47
N ALA B 43 2.80 -4.45 9.45
CA ALA B 43 3.16 -4.99 10.71
C ALA B 43 2.79 -6.44 10.77
N GLY B 44 2.46 -7.06 9.63
CA GLY B 44 2.10 -8.50 9.56
C GLY B 44 0.63 -8.87 9.83
N HIS B 45 -0.25 -7.91 10.13
CA HIS B 45 -1.69 -8.20 10.23
C HIS B 45 -2.36 -8.47 8.88
N GLU B 46 -3.49 -9.21 8.90
CA GLU B 46 -4.33 -9.46 7.71
C GLU B 46 -5.39 -8.35 7.61
N VAL B 47 -5.44 -7.68 6.46
CA VAL B 47 -6.30 -6.53 6.31
C VAL B 47 -7.23 -6.75 5.14
N ARG B 48 -8.52 -6.42 5.33
CA ARG B 48 -9.46 -6.49 4.20
C ARG B 48 -10.30 -5.26 4.27
N VAL B 49 -10.72 -4.81 3.11
CA VAL B 49 -11.56 -3.65 3.05
C VAL B 49 -12.88 -4.03 2.35
N ALA B 50 -13.96 -3.99 3.08
CA ALA B 50 -15.27 -4.13 2.49
C ALA B 50 -15.63 -2.90 1.74
N ILE B 51 -16.08 -3.12 0.52
CA ILE B 51 -16.50 -2.07 -0.36
C ILE B 51 -17.63 -2.56 -1.30
N CYS B 52 -18.46 -1.63 -1.75
CA CYS B 52 -19.51 -1.86 -2.72
C CYS B 52 -18.92 -2.26 -4.10
N PRO B 53 -19.64 -3.12 -4.87
CA PRO B 53 -19.01 -3.77 -6.04
C PRO B 53 -18.40 -2.86 -7.11
N ASN B 54 -19.06 -1.73 -7.38
CA ASN B 54 -18.55 -0.79 -8.38
C ASN B 54 -17.26 -0.04 -8.01
N MET B 55 -16.72 -0.32 -6.82
CA MET B 55 -15.51 0.39 -6.34
C MET B 55 -14.38 -0.50 -5.84
N VAL B 56 -14.39 -1.77 -6.19
CA VAL B 56 -13.31 -2.64 -5.77
C VAL B 56 -11.99 -2.19 -6.33
N SER B 57 -12.09 -1.38 -7.37
CA SER B 57 -10.96 -0.92 -8.16
C SER B 57 -10.10 0.16 -7.45
N MET B 58 -10.81 1.02 -6.75
CA MET B 58 -10.19 2.02 -5.94
C MET B 58 -9.38 1.30 -4.83
N VAL B 59 -9.89 0.17 -4.27
CA VAL B 59 -9.23 -0.53 -3.16
C VAL B 59 -8.01 -1.21 -3.66
N THR B 60 -8.20 -2.06 -4.66
CA THR B 60 -7.07 -2.82 -5.21
C THR B 60 -6.03 -1.87 -5.82
N GLY B 61 -6.47 -0.70 -6.30
CA GLY B 61 -5.54 0.29 -6.87
C GLY B 61 -4.71 0.96 -5.75
N ALA B 62 -5.06 0.69 -4.49
CA ALA B 62 -4.25 1.19 -3.37
C ALA B 62 -3.42 0.03 -2.83
N GLY B 63 -3.43 -1.13 -3.50
CA GLY B 63 -2.60 -2.31 -3.14
C GLY B 63 -3.27 -3.16 -2.06
N LEU B 64 -4.55 -2.88 -1.79
CA LEU B 64 -5.29 -3.54 -0.72
C LEU B 64 -6.33 -4.55 -1.23
N THR B 65 -6.57 -5.54 -0.40
CA THR B 65 -7.55 -6.55 -0.61
C THR B 65 -8.99 -6.08 -0.48
N ALA B 66 -9.73 -6.22 -1.59
CA ALA B 66 -11.13 -5.81 -1.61
C ALA B 66 -12.08 -6.96 -1.34
N VAL B 67 -13.11 -6.65 -0.57
CA VAL B 67 -14.19 -7.59 -0.34
C VAL B 67 -15.48 -6.92 -0.77
N PRO B 68 -15.92 -7.26 -1.98
CA PRO B 68 -17.19 -6.74 -2.55
C PRO B 68 -18.37 -7.22 -1.72
N VAL B 69 -19.22 -6.27 -1.39
CA VAL B 69 -20.27 -6.40 -0.39
C VAL B 69 -21.40 -5.43 -0.81
N GLY B 70 -22.63 -5.96 -0.87
CA GLY B 70 -23.83 -5.15 -1.19
C GLY B 70 -24.01 -4.82 -2.67
N ASP B 71 -24.94 -3.93 -2.93
CA ASP B 71 -25.20 -3.59 -4.33
C ASP B 71 -24.43 -2.36 -4.74
N GLU B 72 -24.33 -2.17 -6.04
CA GLU B 72 -23.78 -0.95 -6.59
C GLU B 72 -24.34 0.24 -5.82
N LEU B 73 -23.49 1.22 -5.50
CA LEU B 73 -23.95 2.40 -4.81
C LEU B 73 -23.28 3.61 -5.40
N ASP B 74 -24.05 4.69 -5.54
CA ASP B 74 -23.59 5.88 -6.25
C ASP B 74 -24.07 7.15 -5.56
N LEU B 75 -23.13 7.97 -5.11
CA LEU B 75 -23.45 9.09 -4.22
C LEU B 75 -23.19 10.46 -4.85
N ASP B 115 -35.26 3.50 1.72
CA ASP B 115 -34.07 3.38 2.55
C ASP B 115 -33.33 4.69 2.54
N ALA B 116 -32.79 5.06 1.37
CA ALA B 116 -31.94 6.27 1.16
C ALA B 116 -30.90 6.58 2.26
N VAL B 117 -31.35 6.80 3.48
CA VAL B 117 -30.33 7.02 4.49
C VAL B 117 -29.75 5.69 4.94
N GLU B 118 -30.50 4.62 4.79
CA GLU B 118 -29.94 3.32 5.12
C GLU B 118 -28.81 2.94 4.15
N GLN B 119 -29.07 3.13 2.87
CA GLN B 119 -28.04 2.96 1.91
C GLN B 119 -26.80 3.84 2.20
N LEU B 120 -26.99 5.14 2.37
CA LEU B 120 -25.89 6.10 2.63
C LEU B 120 -24.93 5.64 3.77
N HIS B 121 -25.47 4.92 4.75
CA HIS B 121 -24.73 4.55 5.93
C HIS B 121 -24.39 3.06 5.90
N LEU B 122 -24.53 2.45 4.71
CA LEU B 122 -24.34 0.99 4.48
C LEU B 122 -25.10 0.10 5.44
N VAL B 123 -26.32 0.48 5.76
CA VAL B 123 -26.98 -0.24 6.82
C VAL B 123 -28.30 -0.82 6.27
N ASP B 124 -28.51 -0.67 4.96
CA ASP B 124 -29.57 -1.42 4.25
C ASP B 124 -29.33 -2.93 4.35
N ASP B 125 -30.38 -3.74 4.30
CA ASP B 125 -30.26 -5.22 4.35
C ASP B 125 -29.21 -5.80 3.38
N ARG B 126 -29.34 -5.46 2.10
CA ARG B 126 -28.35 -5.85 1.12
C ARG B 126 -26.91 -5.76 1.70
N SER B 127 -26.41 -4.54 2.02
CA SER B 127 -25.06 -4.35 2.61
C SER B 127 -24.85 -5.18 3.85
N LEU B 128 -25.64 -4.88 4.88
CA LEU B 128 -25.46 -5.47 6.19
C LEU B 128 -25.33 -6.96 6.14
N ASP B 129 -26.31 -7.61 5.49
CA ASP B 129 -26.42 -9.08 5.38
C ASP B 129 -25.14 -9.66 4.74
N ASP B 130 -24.76 -9.06 3.63
CA ASP B 130 -23.56 -9.37 2.90
C ASP B 130 -22.30 -9.24 3.80
N LEU B 131 -22.09 -8.06 4.40
CA LEU B 131 -20.98 -7.84 5.33
C LEU B 131 -21.04 -8.83 6.44
N MET B 132 -22.21 -8.95 7.05
CA MET B 132 -22.33 -9.81 8.21
C MET B 132 -21.96 -11.25 7.84
N GLY B 133 -22.40 -11.69 6.66
CA GLY B 133 -22.13 -13.07 6.26
C GLY B 133 -20.66 -13.30 5.97
N PHE B 134 -19.98 -12.28 5.43
CA PHE B 134 -18.51 -12.35 5.32
C PHE B 134 -17.81 -12.29 6.67
N ALA B 135 -18.24 -11.34 7.51
CA ALA B 135 -17.58 -11.21 8.82
C ALA B 135 -17.74 -12.41 9.75
N GLU B 136 -18.95 -13.01 9.73
CA GLU B 136 -19.33 -14.20 10.52
C GLU B 136 -18.27 -15.27 10.34
N LYS B 137 -17.81 -15.43 9.08
CA LYS B 137 -16.87 -16.48 8.66
C LYS B 137 -15.41 -16.07 8.79
N TRP B 138 -15.12 -14.80 8.48
CA TRP B 138 -13.76 -14.34 8.60
C TRP B 138 -13.36 -14.05 10.09
N GLN B 139 -14.34 -13.71 10.95
CA GLN B 139 -14.05 -13.41 12.37
C GLN B 139 -12.90 -12.38 12.59
N PRO B 140 -13.02 -11.16 12.03
CA PRO B 140 -12.04 -10.13 12.34
C PRO B 140 -11.93 -9.84 13.83
N ASP B 141 -10.71 -9.65 14.31
CA ASP B 141 -10.46 -9.19 15.67
C ASP B 141 -10.77 -7.71 15.83
N LEU B 142 -10.76 -6.96 14.72
CA LEU B 142 -10.88 -5.50 14.77
C LEU B 142 -11.59 -4.90 13.56
N VAL B 143 -12.51 -3.97 13.77
CA VAL B 143 -13.12 -3.32 12.69
C VAL B 143 -12.80 -1.83 12.84
N VAL B 144 -12.14 -1.29 11.82
CA VAL B 144 -12.00 0.14 11.66
C VAL B 144 -13.03 0.72 10.67
N TRP B 145 -13.80 1.71 11.10
CA TRP B 145 -14.90 2.18 10.33
C TRP B 145 -14.98 3.65 10.21
N ASP B 146 -15.29 4.06 8.99
CA ASP B 146 -15.39 5.44 8.61
C ASP B 146 -16.57 5.99 9.43
N ALA B 147 -16.39 7.15 10.07
CA ALA B 147 -17.46 7.80 10.89
C ALA B 147 -18.87 7.88 10.28
N MET B 148 -19.02 7.92 8.96
CA MET B 148 -20.41 8.04 8.45
C MET B 148 -21.13 6.75 8.15
N VAL B 149 -20.63 5.63 8.67
CA VAL B 149 -21.19 4.36 8.30
C VAL B 149 -21.56 3.65 9.56
N CYS B 150 -22.48 2.69 9.48
CA CYS B 150 -22.93 2.00 10.68
C CYS B 150 -22.76 0.55 10.46
N SER B 151 -22.42 0.15 9.22
CA SER B 151 -22.17 -1.28 8.96
C SER B 151 -21.14 -1.88 9.92
N GLY B 152 -19.90 -1.34 9.88
CA GLY B 152 -18.78 -1.83 10.71
C GLY B 152 -19.11 -2.00 12.19
N PRO B 153 -19.63 -0.95 12.83
CA PRO B 153 -19.84 -1.13 14.26
C PRO B 153 -20.96 -2.14 14.56
N VAL B 154 -22.01 -2.12 13.76
CA VAL B 154 -23.11 -3.09 13.95
C VAL B 154 -22.58 -4.53 13.84
N VAL B 155 -21.87 -4.76 12.73
CA VAL B 155 -21.23 -6.04 12.54
C VAL B 155 -20.22 -6.35 13.67
N ALA B 156 -19.41 -5.38 14.11
CA ALA B 156 -18.43 -5.73 15.16
C ALA B 156 -19.10 -6.15 16.45
N ARG B 157 -20.12 -5.37 16.80
CA ARG B 157 -20.91 -5.58 18.00
C ARG B 157 -21.54 -6.97 17.98
N ALA B 158 -22.11 -7.33 16.84
CA ALA B 158 -22.72 -8.68 16.66
C ALA B 158 -21.74 -9.83 16.76
N LEU B 159 -20.48 -9.65 16.35
CA LEU B 159 -19.47 -10.72 16.54
C LEU B 159 -18.65 -10.63 17.79
N GLY B 160 -18.74 -9.52 18.52
CA GLY B 160 -17.83 -9.30 19.66
C GLY B 160 -16.44 -8.82 19.27
N ALA B 161 -16.25 -8.27 18.06
CA ALA B 161 -14.92 -7.81 17.69
C ALA B 161 -14.71 -6.40 18.28
N ARG B 162 -13.47 -6.01 18.53
CA ARG B 162 -13.21 -4.60 18.85
C ARG B 162 -13.45 -3.72 17.64
N HIS B 163 -13.82 -2.50 17.88
CA HIS B 163 -13.97 -1.66 16.77
C HIS B 163 -13.61 -0.24 17.10
N VAL B 164 -13.11 0.43 16.07
CA VAL B 164 -12.61 1.77 16.22
C VAL B 164 -13.11 2.58 15.07
N ARG B 165 -13.54 3.79 15.35
CA ARG B 165 -14.10 4.70 14.36
C ARG B 165 -13.03 5.66 13.94
N MET B 166 -13.08 6.05 12.67
CA MET B 166 -12.10 6.90 12.07
C MET B 166 -12.71 8.14 11.48
N LEU B 167 -12.18 9.30 11.85
CA LEU B 167 -12.70 10.55 11.28
C LEU B 167 -12.07 10.87 9.94
N VAL B 168 -12.79 11.64 9.14
CA VAL B 168 -12.30 12.07 7.86
C VAL B 168 -12.49 13.59 7.89
N ALA B 169 -13.30 14.07 8.80
CA ALA B 169 -13.56 15.47 8.98
C ALA B 169 -13.58 15.73 10.48
N LEU B 170 -13.96 16.95 10.86
CA LEU B 170 -14.25 17.31 12.25
C LEU B 170 -15.39 16.43 12.73
N ASP B 171 -15.38 16.10 14.02
CA ASP B 171 -16.32 15.14 14.52
C ASP B 171 -17.67 15.76 14.73
N VAL B 172 -18.36 16.07 13.67
CA VAL B 172 -19.66 16.72 13.84
C VAL B 172 -20.68 15.79 14.54
N SER B 173 -20.89 14.59 13.99
CA SER B 173 -21.60 13.51 14.67
C SER B 173 -21.36 13.45 16.15
N GLY B 174 -20.08 13.32 16.55
CA GLY B 174 -19.76 13.18 17.98
C GLY B 174 -20.15 14.44 18.76
N TRP B 175 -19.98 15.62 18.15
CA TRP B 175 -20.30 16.91 18.79
C TRP B 175 -21.83 16.93 19.05
N LEU B 176 -22.61 16.82 17.97
CA LEU B 176 -24.08 16.60 18.01
C LEU B 176 -24.54 15.57 19.03
N ARG B 177 -23.99 14.36 18.93
CA ARG B 177 -24.39 13.28 19.83
C ARG B 177 -24.19 13.68 21.29
N SER B 178 -23.06 14.31 21.65
CA SER B 178 -22.88 14.70 23.07
C SER B 178 -23.90 15.79 23.50
N GLY B 179 -24.26 16.67 22.57
CA GLY B 179 -25.26 17.66 22.82
C GLY B 179 -26.51 16.90 23.18
N PHE B 180 -26.86 15.97 22.29
CA PHE B 180 -28.06 15.19 22.43
C PHE B 180 -28.04 14.40 23.76
N LEU B 181 -26.90 13.85 24.14
CA LEU B 181 -26.86 13.04 25.36
C LEU B 181 -26.99 13.92 26.60
N GLU B 182 -26.67 15.20 26.47
CA GLU B 182 -26.74 16.02 27.66
C GLU B 182 -28.15 16.50 27.84
N TYR B 183 -28.80 16.83 26.73
CA TYR B 183 -30.17 17.31 26.77
C TYR B 183 -31.03 16.12 27.22
N GLN B 184 -30.75 14.94 26.70
CA GLN B 184 -31.42 13.73 27.18
C GLN B 184 -31.23 13.51 28.70
N GLU B 185 -30.01 13.68 29.19
CA GLU B 185 -29.74 13.35 30.58
C GLU B 185 -30.55 14.25 31.51
N SER B 186 -30.87 15.45 31.01
CA SER B 186 -31.56 16.45 31.79
C SER B 186 -33.10 16.30 31.79
N LYS B 187 -33.60 15.32 31.02
CA LYS B 187 -35.03 15.01 31.00
C LYS B 187 -35.34 13.90 32.03
N PRO B 188 -36.60 13.85 32.52
CA PRO B 188 -37.04 12.70 33.30
C PRO B 188 -37.02 11.41 32.39
N PRO B 189 -36.68 10.24 32.99
CA PRO B 189 -36.39 8.95 32.34
C PRO B 189 -37.38 8.47 31.28
N GLU B 190 -38.67 8.61 31.58
CA GLU B 190 -39.76 8.23 30.67
C GLU B 190 -39.76 9.11 29.42
N GLN B 191 -38.93 10.13 29.43
CA GLN B 191 -38.81 11.01 28.29
C GLN B 191 -37.49 10.93 27.47
N ARG B 192 -36.48 10.23 28.00
CA ARG B 192 -35.14 10.10 27.36
C ARG B 192 -35.14 9.27 26.09
N VAL B 193 -35.91 9.69 25.09
CA VAL B 193 -35.98 9.06 23.79
C VAL B 193 -34.72 9.22 22.98
N ASP B 194 -34.41 8.17 22.23
CA ASP B 194 -33.27 8.09 21.37
C ASP B 194 -33.59 7.58 19.98
N PRO B 195 -34.17 8.44 19.14
CA PRO B 195 -34.43 8.02 17.75
C PRO B 195 -33.24 7.26 17.15
N LEU B 196 -32.07 7.89 17.13
CA LEU B 196 -30.90 7.21 16.62
C LEU B 196 -30.67 5.86 17.33
N GLY B 197 -30.68 5.81 18.66
CA GLY B 197 -30.44 4.53 19.40
C GLY B 197 -31.47 3.44 19.08
N THR B 198 -32.75 3.78 19.13
CA THR B 198 -33.82 2.89 18.72
C THR B 198 -33.56 2.25 17.37
N TRP B 199 -33.19 3.10 16.42
CA TRP B 199 -33.00 2.76 15.01
C TRP B 199 -31.84 1.84 14.77
N LEU B 200 -30.84 1.96 15.64
CA LEU B 200 -29.69 1.09 15.55
C LEU B 200 -29.98 -0.16 16.30
N GLY B 201 -30.61 -0.01 17.47
CA GLY B 201 -31.03 -1.14 18.29
C GLY B 201 -31.81 -2.16 17.46
N ALA B 202 -32.67 -1.67 16.56
CA ALA B 202 -33.41 -2.52 15.68
C ALA B 202 -32.46 -3.33 14.77
N LYS B 203 -31.52 -2.65 14.09
CA LYS B 203 -30.47 -3.35 13.29
C LYS B 203 -29.63 -4.34 14.07
N LEU B 204 -29.34 -4.08 15.34
CA LEU B 204 -28.58 -5.05 16.13
C LEU B 204 -29.43 -6.26 16.48
N ALA B 205 -30.72 -5.97 16.62
CA ALA B 205 -31.72 -6.99 16.89
C ALA B 205 -31.59 -8.12 15.87
N LYS B 206 -31.72 -7.80 14.58
CA LYS B 206 -31.59 -8.85 13.56
C LYS B 206 -30.40 -9.80 13.75
N PHE B 207 -29.38 -9.42 14.52
CA PHE B 207 -28.20 -10.27 14.77
C PHE B 207 -28.05 -10.65 16.20
N GLY B 208 -29.07 -10.39 17.00
CA GLY B 208 -29.04 -10.87 18.39
C GLY B 208 -28.19 -10.02 19.28
N ALA B 209 -27.92 -8.78 18.86
CA ALA B 209 -27.12 -7.94 19.72
C ALA B 209 -27.90 -6.70 20.14
N THR B 210 -27.46 -6.09 21.24
CA THR B 210 -28.04 -4.85 21.75
C THR B 210 -27.27 -3.61 21.40
N PHE B 211 -27.95 -2.46 21.50
CA PHE B 211 -27.35 -1.18 21.29
C PHE B 211 -26.41 -0.78 22.41
N ASP B 212 -25.34 -0.07 22.04
CA ASP B 212 -24.42 0.57 22.98
C ASP B 212 -24.10 1.97 22.43
N GLU B 213 -23.71 2.90 23.30
CA GLU B 213 -23.30 4.21 22.85
C GLU B 213 -22.14 4.07 21.86
N GLU B 214 -21.22 3.15 22.16
CA GLU B 214 -20.12 2.82 21.26
C GLU B 214 -20.48 2.46 19.83
N ILE B 215 -21.74 2.11 19.54
CA ILE B 215 -22.14 1.95 18.13
C ILE B 215 -22.15 3.31 17.43
N VAL B 216 -22.27 4.36 18.22
CA VAL B 216 -22.33 5.69 17.64
C VAL B 216 -20.95 6.33 17.47
N THR B 217 -20.08 6.13 18.42
CA THR B 217 -18.85 6.83 18.32
C THR B 217 -17.65 5.93 18.48
N GLY B 218 -17.82 4.63 18.36
CA GLY B 218 -16.69 3.69 18.42
C GLY B 218 -16.16 3.42 19.83
N GLN B 219 -15.32 2.40 19.97
CA GLN B 219 -14.61 2.21 21.28
C GLN B 219 -13.46 3.21 21.44
N ALA B 220 -12.99 3.71 20.29
CA ALA B 220 -12.03 4.80 20.23
C ALA B 220 -12.23 5.39 18.86
N THR B 221 -11.69 6.59 18.64
CA THR B 221 -11.83 7.31 17.41
C THR B 221 -10.46 7.79 17.03
N ILE B 222 -10.02 7.45 15.82
CA ILE B 222 -8.75 7.83 15.28
C ILE B 222 -8.99 9.14 14.56
N ASP B 223 -8.21 10.15 14.93
CA ASP B 223 -8.42 11.48 14.39
C ASP B 223 -7.20 12.00 13.60
N PRO B 224 -7.32 12.07 12.29
CA PRO B 224 -6.17 12.55 11.51
C PRO B 224 -6.19 14.04 11.31
N ILE B 225 -7.24 14.73 11.72
CA ILE B 225 -7.28 16.21 11.58
C ILE B 225 -6.35 16.74 12.68
N PRO B 226 -5.51 17.74 12.38
CA PRO B 226 -4.69 18.30 13.50
C PRO B 226 -5.55 18.62 14.73
N SER B 227 -5.07 18.20 15.90
CA SER B 227 -5.90 18.17 17.12
C SER B 227 -6.28 19.55 17.66
N TRP B 228 -5.55 20.56 17.23
CA TRP B 228 -5.92 21.90 17.60
C TRP B 228 -7.24 22.31 16.88
N MET B 229 -7.67 21.58 15.86
CA MET B 229 -8.93 21.92 15.22
C MET B 229 -10.07 21.14 15.85
N ARG B 230 -9.81 20.26 16.81
CA ARG B 230 -10.84 19.25 17.20
C ARG B 230 -12.02 19.89 17.91
N LEU B 231 -13.24 19.55 17.51
CA LEU B 231 -14.39 19.91 18.29
C LEU B 231 -14.27 19.41 19.77
N PRO B 232 -14.67 20.26 20.75
CA PRO B 232 -14.61 19.82 22.17
C PRO B 232 -15.68 18.75 22.41
N VAL B 233 -15.25 17.49 22.51
CA VAL B 233 -16.14 16.43 22.88
C VAL B 233 -15.37 15.36 23.64
N ASP B 234 -16.01 14.70 24.60
CA ASP B 234 -15.27 13.86 25.50
C ASP B 234 -15.28 12.41 25.01
N LEU B 235 -14.29 12.06 24.19
CA LEU B 235 -14.18 10.66 23.76
C LEU B 235 -12.73 10.29 23.78
N ASP B 236 -12.47 9.01 23.65
CA ASP B 236 -11.11 8.56 23.56
C ASP B 236 -10.60 8.69 22.10
N TYR B 237 -10.06 9.86 21.75
CA TYR B 237 -9.47 10.12 20.43
C TYR B 237 -8.05 9.64 20.40
N ILE B 238 -7.68 8.95 19.31
CA ILE B 238 -6.31 8.62 19.01
C ILE B 238 -5.84 9.57 17.89
N SER B 239 -5.00 10.52 18.26
CA SER B 239 -4.37 11.39 17.27
C SER B 239 -3.48 10.65 16.30
N MET B 240 -3.62 10.96 15.01
CA MET B 240 -2.81 10.28 14.04
C MET B 240 -2.33 11.25 12.98
N ARG B 241 -1.04 11.17 12.68
CA ARG B 241 -0.46 11.96 11.59
C ARG B 241 -1.15 11.64 10.22
N PHE B 242 -1.67 12.65 9.54
CA PHE B 242 -2.18 12.45 8.20
C PHE B 242 -1.03 12.11 7.26
N VAL B 243 -1.06 10.94 6.63
CA VAL B 243 -0.13 10.59 5.61
C VAL B 243 -0.90 10.55 4.27
N PRO B 244 -0.53 11.39 3.33
CA PRO B 244 -1.28 11.61 2.07
C PRO B 244 -1.28 10.38 1.14
N TYR B 245 -2.45 10.06 0.63
CA TYR B 245 -2.60 9.15 -0.48
C TYR B 245 -3.70 9.69 -1.38
N ASN B 246 -3.42 9.78 -2.67
CA ASN B 246 -4.30 10.54 -3.54
C ASN B 246 -4.61 9.76 -4.84
N GLY B 247 -4.59 8.43 -4.76
CA GLY B 247 -4.86 7.60 -5.92
C GLY B 247 -3.59 7.41 -6.70
N PRO B 248 -3.69 6.74 -7.85
CA PRO B 248 -2.49 6.44 -8.67
C PRO B 248 -1.64 7.66 -8.92
N ALA B 249 -0.32 7.55 -8.67
CA ALA B 249 0.60 8.67 -8.70
C ALA B 249 1.82 8.33 -9.53
N VAL B 250 2.00 9.05 -10.63
CA VAL B 250 3.14 8.85 -11.52
C VAL B 250 3.77 10.24 -11.68
N LEU B 251 5.08 10.35 -11.45
CA LEU B 251 5.75 11.63 -11.69
C LEU B 251 5.81 11.91 -13.19
N PRO B 252 5.06 12.92 -13.68
CA PRO B 252 5.14 13.30 -15.13
C PRO B 252 6.36 14.14 -15.41
N GLU B 253 6.78 14.15 -16.67
CA GLU B 253 7.97 14.95 -17.11
C GLU B 253 7.89 16.45 -16.76
N TRP B 254 6.72 17.06 -16.93
CA TRP B 254 6.55 18.46 -16.53
C TRP B 254 6.94 18.74 -15.07
N LEU B 255 6.71 17.76 -14.18
CA LEU B 255 7.08 17.91 -12.79
C LEU B 255 8.55 17.70 -12.59
N ARG B 256 9.26 17.29 -13.63
CA ARG B 256 10.68 17.10 -13.46
C ARG B 256 11.38 18.46 -13.29
N GLU B 257 10.92 19.48 -14.02
CA GLU B 257 11.58 20.78 -14.01
C GLU B 257 11.23 21.52 -12.74
N ARG B 258 12.24 22.08 -12.09
CA ARG B 258 12.01 23.04 -10.99
C ARG B 258 11.16 24.18 -11.53
N PRO B 259 10.25 24.70 -10.70
CA PRO B 259 9.45 25.91 -11.05
C PRO B 259 10.32 27.18 -11.34
N THR B 260 9.90 28.01 -12.29
CA THR B 260 10.65 29.25 -12.61
C THR B 260 10.02 30.51 -12.05
N LYS B 261 8.88 30.31 -11.41
CA LYS B 261 8.15 31.34 -10.70
C LYS B 261 7.18 30.56 -9.81
N PRO B 262 6.57 31.19 -8.79
CA PRO B 262 5.69 30.46 -7.87
C PRO B 262 4.66 29.63 -8.60
N ARG B 263 4.51 28.33 -8.24
CA ARG B 263 3.38 27.51 -8.75
C ARG B 263 2.24 27.67 -7.78
N VAL B 264 1.05 27.83 -8.36
CA VAL B 264 -0.19 27.93 -7.65
C VAL B 264 -1.02 26.82 -8.24
N CYS B 265 -1.51 25.91 -7.38
CA CYS B 265 -2.33 24.77 -7.83
C CYS B 265 -3.80 25.09 -7.62
N ILE B 266 -4.63 24.71 -8.57
CA ILE B 266 -6.05 24.97 -8.45
C ILE B 266 -6.74 23.69 -8.77
N THR B 267 -7.32 23.07 -7.75
CA THR B 267 -7.99 21.78 -7.97
C THR B 267 -9.36 21.90 -7.41
N ARG B 268 -10.30 21.54 -8.27
CA ARG B 268 -11.61 21.13 -7.85
C ARG B 268 -11.42 20.31 -6.56
N GLY B 269 -11.87 20.91 -5.45
CA GLY B 269 -11.52 20.53 -4.06
C GLY B 269 -11.08 19.12 -3.74
N LEU B 270 -11.09 18.20 -4.74
CA LEU B 270 -10.95 16.69 -4.66
C LEU B 270 -11.89 15.97 -5.65
N THR B 271 -11.65 14.68 -5.98
CA THR B 271 -12.55 13.90 -6.88
C THR B 271 -13.97 13.85 -6.34
N LYS B 272 -14.70 14.94 -6.59
CA LYS B 272 -16.08 15.19 -6.18
C LYS B 272 -16.44 16.66 -6.47
N ARG B 273 -16.93 17.01 -7.68
CA ARG B 273 -17.17 16.13 -8.85
C ARG B 273 -17.51 14.65 -8.57
N GLU B 294 -20.48 27.68 -10.23
CA GLU B 294 -20.17 26.58 -11.13
C GLU B 294 -19.00 26.92 -12.06
N ARG B 295 -19.13 27.95 -12.89
CA ARG B 295 -17.97 28.57 -13.55
C ARG B 295 -17.37 29.66 -12.66
N LEU B 296 -17.65 29.54 -11.36
CA LEU B 296 -16.89 30.24 -10.33
C LEU B 296 -15.44 29.70 -10.40
N LEU B 297 -15.26 28.56 -11.08
CA LEU B 297 -13.93 28.03 -11.40
C LEU B 297 -13.16 28.98 -12.32
N ARG B 298 -13.88 29.64 -13.22
CA ARG B 298 -13.25 30.56 -14.13
C ARG B 298 -12.87 31.82 -13.41
N GLY B 299 -13.76 32.29 -12.52
CA GLY B 299 -13.45 33.44 -11.65
C GLY B 299 -12.11 33.15 -11.00
N ALA B 300 -11.90 31.91 -10.57
CA ALA B 300 -10.69 31.46 -9.89
C ALA B 300 -9.42 31.41 -10.77
N ALA B 301 -9.49 30.73 -11.93
CA ALA B 301 -8.34 30.68 -12.86
C ALA B 301 -7.91 32.07 -13.36
N ARG B 302 -8.85 32.89 -13.82
CA ARG B 302 -8.54 34.22 -14.44
C ARG B 302 -7.91 35.16 -13.45
N LEU B 303 -8.31 35.02 -12.22
CA LEU B 303 -7.83 35.90 -11.22
C LEU B 303 -6.45 35.58 -10.66
N ASP B 304 -6.08 34.32 -10.64
CA ASP B 304 -4.72 34.05 -10.29
C ASP B 304 -3.73 34.31 -11.40
N VAL B 305 -4.18 34.27 -12.65
CA VAL B 305 -3.31 34.66 -13.75
C VAL B 305 -2.90 36.12 -13.77
N GLU B 306 -3.63 36.95 -13.06
CA GLU B 306 -3.30 38.34 -12.93
C GLU B 306 -1.98 38.51 -12.15
N VAL B 307 -1.44 37.43 -11.55
CA VAL B 307 -0.12 37.54 -10.85
C VAL B 307 0.96 36.78 -11.68
N ILE B 308 2.23 37.06 -11.44
CA ILE B 308 3.21 36.31 -12.20
C ILE B 308 3.55 34.98 -11.55
N ALA B 309 2.76 33.99 -11.92
CA ALA B 309 2.65 32.75 -11.19
C ALA B 309 2.41 31.77 -12.28
N THR B 310 2.73 30.51 -12.05
CA THR B 310 2.26 29.53 -13.01
C THR B 310 1.12 28.74 -12.34
N LEU B 311 -0.06 28.71 -12.93
CA LEU B 311 -1.12 27.88 -12.38
C LEU B 311 -1.07 26.56 -13.01
N SER B 312 -1.22 25.56 -12.16
CA SER B 312 -1.53 24.24 -12.59
C SER B 312 -2.93 24.06 -12.16
N ASP B 313 -3.78 23.82 -13.14
CA ASP B 313 -5.18 23.62 -12.86
C ASP B 313 -5.65 22.35 -13.46
N ASP B 314 -6.77 21.94 -12.91
CA ASP B 314 -7.31 20.62 -13.05
C ASP B 314 -8.58 20.53 -13.92
N GLU B 315 -8.44 19.98 -15.13
CA GLU B 315 -9.62 19.43 -15.89
C GLU B 315 -9.34 19.28 -17.35
N VAL B 316 -10.34 18.82 -18.11
CA VAL B 316 -10.54 19.26 -19.51
C VAL B 316 -11.88 20.01 -19.46
N ARG B 317 -11.94 21.17 -20.15
CA ARG B 317 -13.13 22.02 -20.32
C ARG B 317 -12.93 23.34 -21.10
N GLU B 318 -13.92 23.66 -21.96
CA GLU B 318 -13.96 24.90 -22.74
C GLU B 318 -14.78 25.98 -22.09
N MET B 319 -14.08 27.06 -21.77
CA MET B 319 -14.69 28.24 -21.20
C MET B 319 -14.03 29.48 -21.82
N GLY B 320 -13.30 29.28 -22.91
CA GLY B 320 -12.77 30.40 -23.67
C GLY B 320 -11.27 30.43 -23.81
N GLU B 321 -10.69 31.58 -23.53
CA GLU B 321 -9.25 31.70 -23.57
C GLU B 321 -8.67 31.71 -22.17
N LEU B 322 -8.02 30.60 -21.82
CA LEU B 322 -7.14 30.56 -20.66
C LEU B 322 -5.93 31.47 -20.93
N PRO B 323 -5.63 32.40 -20.02
CA PRO B 323 -4.34 33.14 -20.14
C PRO B 323 -3.13 32.21 -20.25
N SER B 324 -2.01 32.75 -20.71
CA SER B 324 -0.91 31.90 -21.10
C SER B 324 -0.27 31.17 -19.93
N ASN B 325 -0.36 31.78 -18.74
CA ASN B 325 0.33 31.21 -17.59
C ASN B 325 -0.50 30.12 -16.88
N VAL B 326 -1.62 29.71 -17.46
CA VAL B 326 -2.37 28.62 -16.89
C VAL B 326 -2.02 27.36 -17.62
N ARG B 327 -1.49 26.38 -16.90
CA ARG B 327 -1.05 25.15 -17.54
C ARG B 327 -2.09 24.13 -17.11
N VAL B 328 -2.76 23.52 -18.06
CA VAL B 328 -3.88 22.64 -17.77
C VAL B 328 -3.39 21.21 -17.83
N HIS B 329 -3.79 20.44 -16.84
CA HIS B 329 -3.46 19.03 -16.85
C HIS B 329 -4.68 18.27 -16.32
N GLU B 330 -5.08 17.28 -17.10
CA GLU B 330 -6.16 16.36 -16.74
C GLU B 330 -5.85 15.72 -15.37
N TYR B 331 -4.71 15.04 -15.29
CA TYR B 331 -4.29 14.38 -14.07
C TYR B 331 -3.02 15.05 -13.52
N VAL B 332 -3.05 15.32 -12.22
CA VAL B 332 -1.82 15.63 -11.47
C VAL B 332 -1.69 14.57 -10.36
N PRO B 333 -0.45 14.26 -9.96
CA PRO B 333 -0.28 13.57 -8.67
C PRO B 333 -0.20 14.65 -7.54
N LEU B 334 -1.29 14.85 -6.82
CA LEU B 334 -1.45 15.99 -5.92
C LEU B 334 -0.31 16.12 -4.91
N ASN B 335 -0.07 15.09 -4.10
CA ASN B 335 1.01 15.19 -3.09
C ASN B 335 2.31 15.69 -3.74
N GLU B 336 2.69 15.06 -4.83
CA GLU B 336 3.97 15.38 -5.48
C GLU B 336 3.94 16.74 -6.09
N LEU B 337 2.83 17.08 -6.73
CA LEU B 337 2.62 18.43 -7.15
C LEU B 337 2.88 19.43 -6.01
N LEU B 338 2.24 19.20 -4.86
CA LEU B 338 2.21 20.22 -3.81
C LEU B 338 3.58 20.54 -3.24
N GLU B 339 4.58 19.69 -3.49
CA GLU B 339 5.93 19.92 -2.96
C GLU B 339 6.62 21.06 -3.67
N SER B 340 6.08 21.51 -4.79
CA SER B 340 6.75 22.60 -5.46
C SER B 340 5.82 23.78 -5.57
N CYS B 341 4.66 23.72 -4.90
CA CYS B 341 3.69 24.79 -4.97
C CYS B 341 3.90 25.85 -3.86
N SER B 342 3.57 27.11 -4.14
CA SER B 342 3.66 28.17 -3.15
C SER B 342 2.28 28.34 -2.58
N VAL B 343 1.25 28.00 -3.37
CA VAL B 343 -0.16 28.18 -2.99
C VAL B 343 -1.05 27.16 -3.66
N ILE B 344 -2.12 26.77 -2.95
CA ILE B 344 -3.11 25.84 -3.54
C ILE B 344 -4.41 26.56 -3.31
N ILE B 345 -5.33 26.50 -4.29
CA ILE B 345 -6.66 27.08 -4.19
C ILE B 345 -7.63 25.92 -4.35
N HIS B 346 -8.59 25.78 -3.42
CA HIS B 346 -9.49 24.61 -3.41
C HIS B 346 -10.80 24.84 -2.68
N HIS B 347 -11.68 23.86 -2.70
CA HIS B 347 -13.07 24.01 -2.18
C HIS B 347 -13.28 23.51 -0.74
N GLY B 348 -12.17 23.09 -0.10
CA GLY B 348 -12.16 22.84 1.33
C GLY B 348 -12.25 21.39 1.76
N SER B 349 -12.19 20.46 0.80
CA SER B 349 -12.28 19.06 1.14
C SER B 349 -11.07 18.53 1.95
N THR B 350 -11.31 17.46 2.69
CA THR B 350 -10.37 17.05 3.73
C THR B 350 -9.06 16.58 3.14
N THR B 351 -9.19 15.78 2.10
CA THR B 351 -8.04 15.19 1.46
C THR B 351 -7.15 16.29 0.87
N THR B 352 -7.77 17.29 0.30
CA THR B 352 -7.03 18.38 -0.27
C THR B 352 -6.43 19.32 0.76
N GLN B 353 -7.23 19.74 1.74
CA GLN B 353 -6.72 20.57 2.83
C GLN B 353 -5.58 19.87 3.61
N GLU B 354 -5.75 18.59 3.94
CA GLU B 354 -4.72 17.89 4.67
C GLU B 354 -3.44 17.71 3.87
N THR B 355 -3.60 17.31 2.62
CA THR B 355 -2.42 17.10 1.79
C THR B 355 -1.64 18.39 1.66
N ALA B 356 -2.35 19.50 1.50
CA ALA B 356 -1.63 20.77 1.51
C ALA B 356 -1.03 21.14 2.91
N THR B 357 -1.75 20.82 3.96
CA THR B 357 -1.29 21.16 5.28
C THR B 357 0.01 20.40 5.55
N VAL B 358 0.03 19.10 5.32
CA VAL B 358 1.27 18.40 5.58
C VAL B 358 2.37 18.78 4.64
N ASN B 359 2.07 19.34 3.47
CA ASN B 359 3.18 19.83 2.64
C ASN B 359 3.57 21.28 3.02
N GLY B 360 2.95 21.83 4.07
CA GLY B 360 3.16 23.23 4.40
C GLY B 360 2.89 24.32 3.34
N VAL B 361 1.88 24.12 2.48
CA VAL B 361 1.50 25.07 1.44
C VAL B 361 0.38 26.01 1.86
N PRO B 362 0.62 27.30 1.85
CA PRO B 362 -0.45 28.24 2.17
C PRO B 362 -1.69 28.03 1.27
N GLN B 363 -2.87 28.24 1.84
CA GLN B 363 -4.09 27.85 1.16
C GLN B 363 -5.10 28.97 0.97
N LEU B 364 -5.70 29.05 -0.20
CA LEU B 364 -6.84 29.96 -0.40
C LEU B 364 -8.06 29.13 -0.60
N ILE B 365 -9.00 29.23 0.31
CA ILE B 365 -10.12 28.26 0.28
C ILE B 365 -11.49 28.95 0.03
N LEU B 366 -12.19 28.43 -0.96
CA LEU B 366 -13.58 28.77 -1.23
C LEU B 366 -14.41 27.58 -0.80
N PRO B 367 -14.66 27.49 0.49
CA PRO B 367 -15.34 26.31 0.99
C PRO B 367 -16.74 26.31 0.49
N GLY B 368 -17.36 25.17 0.31
CA GLY B 368 -18.80 25.26 0.15
C GLY B 368 -19.47 25.54 1.50
N THR B 369 -20.36 24.65 1.91
CA THR B 369 -20.90 23.58 1.10
C THR B 369 -21.45 22.59 2.08
N PHE B 370 -21.07 21.35 1.82
CA PHE B 370 -21.77 20.18 2.28
C PHE B 370 -20.98 19.55 3.42
N TRP B 371 -20.72 20.35 4.46
CA TRP B 371 -20.21 19.87 5.77
C TRP B 371 -19.37 20.89 6.54
N ASP B 372 -18.22 20.44 7.04
CA ASP B 372 -17.34 21.23 7.88
C ASP B 372 -16.24 22.03 7.15
N GLU B 373 -16.36 22.18 5.83
CA GLU B 373 -15.34 22.88 5.06
C GLU B 373 -15.07 24.29 5.50
N SER B 374 -16.12 25.00 5.89
CA SER B 374 -16.00 26.37 6.32
C SER B 374 -15.34 26.44 7.69
N ARG B 375 -15.70 25.54 8.59
CA ARG B 375 -15.05 25.64 9.90
C ARG B 375 -13.55 25.31 9.73
N ARG B 376 -13.25 24.24 8.98
CA ARG B 376 -11.83 23.92 8.71
C ARG B 376 -11.10 25.08 8.04
N ALA B 377 -11.74 25.67 7.04
CA ALA B 377 -11.11 26.77 6.32
C ALA B 377 -10.88 27.92 7.27
N GLU B 378 -11.94 28.25 8.00
CA GLU B 378 -11.88 29.27 9.00
C GLU B 378 -10.77 28.98 10.01
N LEU B 379 -10.62 27.72 10.46
CA LEU B 379 -9.53 27.43 11.44
C LEU B 379 -8.13 27.60 10.85
N LEU B 380 -7.91 27.21 9.59
CA LEU B 380 -6.63 27.53 8.99
C LEU B 380 -6.32 29.03 8.97
N ALA B 381 -7.34 29.82 8.62
CA ALA B 381 -7.21 31.28 8.51
C ALA B 381 -6.92 31.86 9.89
N ASP B 382 -7.52 31.29 10.95
CA ASP B 382 -7.24 31.81 12.31
C ASP B 382 -5.77 31.58 12.69
N ARG B 383 -5.15 30.53 12.15
CA ARG B 383 -3.76 30.35 12.52
C ARG B 383 -2.91 30.97 11.49
N GLY B 384 -3.56 31.63 10.52
CA GLY B 384 -2.81 32.45 9.56
C GLY B 384 -2.07 31.65 8.51
N ALA B 385 -2.58 30.46 8.20
CA ALA B 385 -1.96 29.59 7.20
C ALA B 385 -2.72 29.61 5.85
N GLY B 386 -3.75 30.44 5.76
CA GLY B 386 -4.61 30.46 4.59
C GLY B 386 -5.51 31.68 4.66
N LEU B 387 -6.27 31.88 3.58
CA LEU B 387 -7.28 32.91 3.51
C LEU B 387 -8.48 32.23 2.91
N VAL B 388 -9.66 32.72 3.23
CA VAL B 388 -10.92 32.15 2.73
C VAL B 388 -11.61 33.17 1.82
N LEU B 389 -12.34 32.66 0.86
CA LEU B 389 -13.23 33.51 0.09
C LEU B 389 -14.61 32.96 0.14
N ASP B 390 -15.57 33.85 0.38
CA ASP B 390 -16.97 33.49 0.41
C ASP B 390 -17.39 33.31 -1.03
N PRO B 391 -17.75 32.08 -1.44
CA PRO B 391 -18.05 32.03 -2.87
C PRO B 391 -19.36 32.77 -3.08
N ALA B 392 -20.09 32.48 -4.13
CA ALA B 392 -21.27 33.31 -4.40
C ALA B 392 -20.83 34.79 -4.50
N THR B 393 -20.35 35.42 -3.41
CA THR B 393 -19.96 36.86 -3.48
C THR B 393 -18.52 37.20 -3.91
N PHE B 394 -17.73 36.22 -4.31
CA PHE B 394 -16.29 36.50 -4.53
C PHE B 394 -16.03 37.05 -5.93
N THR B 395 -15.08 37.96 -5.97
CA THR B 395 -14.83 38.66 -7.18
C THR B 395 -13.43 38.31 -7.67
N GLU B 396 -13.25 38.36 -8.98
CA GLU B 396 -11.89 38.36 -9.50
C GLU B 396 -10.94 39.34 -8.79
N ASP B 397 -11.34 40.48 -8.27
CA ASP B 397 -10.24 41.21 -7.64
C ASP B 397 -9.80 40.60 -6.28
N ASP B 398 -10.74 39.89 -5.66
CA ASP B 398 -10.55 39.19 -4.38
C ASP B 398 -9.46 38.10 -4.48
N VAL B 399 -9.69 37.13 -5.38
CA VAL B 399 -8.70 36.14 -5.72
C VAL B 399 -7.30 36.70 -5.94
N ARG B 400 -7.18 37.84 -6.62
CA ARG B 400 -5.84 38.35 -6.92
C ARG B 400 -5.27 38.97 -5.68
N GLY B 401 -6.14 39.63 -4.93
CA GLY B 401 -5.67 40.28 -3.72
C GLY B 401 -5.25 39.27 -2.71
N GLN B 402 -6.07 38.23 -2.49
CA GLN B 402 -5.80 37.23 -1.47
C GLN B 402 -4.58 36.42 -1.88
N LEU B 403 -4.58 35.98 -3.12
CA LEU B 403 -3.42 35.27 -3.58
C LEU B 403 -2.15 36.11 -3.44
N ALA B 404 -2.20 37.38 -3.83
CA ALA B 404 -1.01 38.21 -3.71
C ALA B 404 -0.58 38.23 -2.24
N ARG B 405 -1.56 38.21 -1.35
CA ARG B 405 -1.24 38.17 0.07
C ARG B 405 -0.49 36.88 0.53
N LEU B 406 -0.92 35.73 -0.01
CA LEU B 406 -0.26 34.46 0.31
C LEU B 406 1.17 34.36 -0.20
N LEU B 407 1.45 35.01 -1.33
CA LEU B 407 2.78 34.99 -1.93
C LEU B 407 3.70 36.06 -1.35
N ASP B 408 3.16 37.26 -1.06
CA ASP B 408 4.01 38.36 -0.53
C ASP B 408 4.20 38.43 0.96
N GLU B 409 3.24 37.94 1.75
CA GLU B 409 3.50 37.99 3.19
C GLU B 409 4.19 36.71 3.70
N PRO B 410 5.47 36.76 4.04
CA PRO B 410 6.16 35.55 4.55
C PRO B 410 5.38 34.85 5.69
N SER B 411 4.55 35.58 6.39
CA SER B 411 3.61 35.04 7.38
C SER B 411 2.92 33.71 7.08
N PHE B 412 2.30 33.64 5.92
CA PHE B 412 1.45 32.54 5.62
C PHE B 412 2.31 31.27 5.44
N ALA B 413 3.49 31.42 4.83
CA ALA B 413 4.31 30.24 4.63
C ALA B 413 4.89 29.84 6.00
N ALA B 414 5.10 30.84 6.86
CA ALA B 414 5.80 30.56 8.11
C ALA B 414 4.83 29.80 8.99
N ASN B 415 3.57 30.23 9.01
CA ASN B 415 2.54 29.54 9.77
C ASN B 415 2.19 28.16 9.20
N ALA B 416 2.12 28.08 7.88
CA ALA B 416 1.94 26.80 7.26
C ALA B 416 3.11 25.87 7.65
N ALA B 417 4.32 26.38 7.71
CA ALA B 417 5.46 25.55 8.10
C ALA B 417 5.34 25.06 9.58
N LEU B 418 4.86 25.93 10.46
CA LEU B 418 4.65 25.59 11.86
C LEU B 418 3.61 24.49 12.05
N ILE B 419 2.51 24.61 11.30
CA ILE B 419 1.40 23.68 11.43
C ILE B 419 1.86 22.32 10.85
N ARG B 420 2.61 22.38 9.77
CA ARG B 420 3.14 21.16 9.20
C ARG B 420 4.06 20.45 10.21
N ARG B 421 4.95 21.20 10.82
CA ARG B 421 5.91 20.67 11.72
C ARG B 421 5.23 20.12 12.99
N GLU B 422 4.12 20.74 13.43
CA GLU B 422 3.33 20.17 14.51
C GLU B 422 2.74 18.82 14.09
N ILE B 423 2.10 18.77 12.91
CA ILE B 423 1.58 17.50 12.39
C ILE B 423 2.69 16.40 12.38
N GLU B 424 3.92 16.76 12.04
CA GLU B 424 5.01 15.75 11.98
C GLU B 424 5.41 15.14 13.34
N GLU B 425 4.98 15.76 14.45
CA GLU B 425 5.26 15.23 15.78
C GLU B 425 4.17 14.32 16.25
N SER B 426 3.03 14.31 15.56
CA SER B 426 1.95 13.37 15.90
C SER B 426 2.35 11.98 15.48
N PRO B 427 1.83 10.97 16.18
CA PRO B 427 2.23 9.60 15.96
C PRO B 427 1.75 9.25 14.56
N SER B 428 2.61 8.56 13.82
CA SER B 428 2.31 8.20 12.45
C SER B 428 1.39 6.98 12.47
N PRO B 429 0.79 6.67 11.31
CA PRO B 429 0.01 5.39 11.27
C PRO B 429 0.86 4.23 11.81
N HIS B 430 2.13 4.17 11.45
CA HIS B 430 3.07 3.17 11.99
C HIS B 430 2.99 3.22 13.54
N ASP B 431 3.03 4.42 14.16
CA ASP B 431 3.06 4.50 15.65
C ASP B 431 1.75 4.01 16.31
N ILE B 432 0.62 4.15 15.62
CA ILE B 432 -0.71 3.78 16.09
C ILE B 432 -0.89 2.25 16.15
N VAL B 433 -0.12 1.50 15.35
CA VAL B 433 -0.30 0.06 15.25
C VAL B 433 -0.25 -0.63 16.62
N PRO B 434 0.87 -0.52 17.37
CA PRO B 434 0.82 -1.20 18.72
C PRO B 434 -0.35 -0.71 19.59
N ARG B 435 -0.72 0.53 19.42
CA ARG B 435 -1.83 1.03 20.17
C ARG B 435 -3.12 0.23 19.81
N LEU B 436 -3.30 -0.13 18.54
CA LEU B 436 -4.48 -0.93 18.18
C LEU B 436 -4.25 -2.37 18.56
N GLU B 437 -3.03 -2.85 18.45
CA GLU B 437 -2.75 -4.23 18.85
C GLU B 437 -3.12 -4.48 20.34
N LYS B 438 -2.75 -3.52 21.18
CA LYS B 438 -3.06 -3.52 22.61
C LYS B 438 -4.56 -3.39 22.82
N LEU B 439 -5.25 -2.59 22.02
CA LEU B 439 -6.68 -2.47 22.24
C LEU B 439 -7.37 -3.83 22.03
N VAL B 440 -6.88 -4.59 21.05
CA VAL B 440 -7.51 -5.83 20.68
C VAL B 440 -7.20 -6.84 21.76
N ALA B 441 -5.97 -6.86 22.20
CA ALA B 441 -5.53 -7.72 23.27
C ALA B 441 -6.14 -7.40 24.67
N GLU B 442 -6.50 -6.16 24.98
CA GLU B 442 -7.11 -5.76 26.29
C GLU B 442 -7.77 -6.91 27.04
#